data_4HK0
#
_entry.id   4HK0
#
_cell.length_a   102.004
_cell.length_b   102.004
_cell.length_c   163.085
_cell.angle_alpha   90.000
_cell.angle_beta   90.000
_cell.angle_gamma   120.000
#
_symmetry.space_group_name_H-M   'P 62'
#
loop_
_entity.id
_entity.type
_entity.pdbx_description
1 polymer 'UCA heavy chain'
2 polymer 'UCA light chain'
3 water water
#
loop_
_entity_poly.entity_id
_entity_poly.type
_entity_poly.pdbx_seq_one_letter_code
_entity_poly.pdbx_strand_id
1 'polypeptide(L)'
;QVQLVQSGAEVKKPGASVKVSCKASGYTFTGYYMHWVRQAPGQGLEWMGWINPNSGGTNYAQKFQGWVTMTRDTSISTAY
MELSRLRSDDTAVYYCARGGLEPRSVDYYYYGMDVWGQGTTVTVSSASTKGPSVFPLAPSSKSTSGGTAALGCLVKDYFP
EPVTVSWNSGALTSGVHTFPAVLQSSGLYSLSSVVTVPSSSLGTQTYICNVNHKPSNTKVDKRVEPKSCDKHHHHHH
;
A,C
2 'polypeptide(L)'
;QSVLTQPPSVSVAPGQTARITCGGNNIGSKSVHWYQQKPGQAPVLVVYDDSDRPSGIPERFSGSNSGNTATLTISRVEAG
DEADYYCQVWDSSSDHVVFGGGTKLTVLGQPKAAPSVTLFPPSSEELQANKATLVCLISDFYPGAVTVAWKADSSPVKAG
VETTTPSKQSNNKYAASSYLSLTPEQWKSHRSYSCQVTHEGSTVEKTVAPTECS
;
B,D
#
# COMPACT_ATOMS: atom_id res chain seq x y z
N GLN A 1 6.11 -8.18 -22.16
CA GLN A 1 5.99 -7.64 -20.81
C GLN A 1 6.73 -8.56 -19.85
N VAL A 2 7.18 -8.01 -18.72
CA VAL A 2 7.82 -8.86 -17.72
C VAL A 2 6.77 -9.81 -17.15
N GLN A 3 7.12 -11.08 -17.05
CA GLN A 3 6.15 -12.10 -16.69
C GLN A 3 6.78 -13.31 -16.03
N LEU A 4 6.04 -13.89 -15.08
CA LEU A 4 6.40 -15.16 -14.45
C LEU A 4 5.25 -16.16 -14.56
N VAL A 5 5.50 -17.27 -15.23
CA VAL A 5 4.48 -18.32 -15.44
C VAL A 5 4.89 -19.62 -14.74
N GLN A 6 4.05 -20.05 -13.79
CA GLN A 6 4.39 -21.20 -13.00
C GLN A 6 3.75 -22.47 -13.57
N SER A 7 4.34 -23.62 -13.25
CA SER A 7 3.81 -24.91 -13.68
C SER A 7 2.42 -25.16 -13.10
N GLY A 8 1.73 -26.16 -13.67
CA GLY A 8 0.35 -26.45 -13.32
C GLY A 8 0.21 -27.13 -11.98
N ALA A 9 -1.01 -27.10 -11.45
CA ALA A 9 -1.31 -27.72 -10.16
C ALA A 9 -0.86 -29.18 -10.08
N GLU A 10 -0.33 -29.60 -8.94
CA GLU A 10 0.15 -30.95 -8.82
C GLU A 10 -0.44 -31.60 -7.59
N VAL A 11 -0.58 -32.91 -7.65
CA VAL A 11 -1.04 -33.67 -6.53
C VAL A 11 -0.06 -34.80 -6.23
N LYS A 12 0.22 -34.99 -4.95
CA LYS A 12 1.20 -35.97 -4.52
C LYS A 12 0.75 -36.65 -3.24
N LYS A 13 1.22 -37.89 -3.07
CA LYS A 13 0.96 -38.67 -1.87
C LYS A 13 1.84 -38.16 -0.74
N PRO A 14 1.38 -38.26 0.52
CA PRO A 14 2.30 -37.98 1.63
C PRO A 14 3.63 -38.74 1.50
N GLY A 15 4.74 -38.10 1.88
CA GLY A 15 6.08 -38.70 1.79
C GLY A 15 6.79 -38.59 0.44
N ALA A 16 6.02 -38.27 -0.59
CA ALA A 16 6.57 -38.06 -1.91
C ALA A 16 7.21 -36.66 -2.04
N SER A 17 7.64 -36.34 -3.25
CA SER A 17 8.30 -35.08 -3.51
C SER A 17 7.64 -34.42 -4.71
N VAL A 18 7.70 -33.09 -4.75
CA VAL A 18 7.18 -32.38 -5.89
C VAL A 18 8.22 -31.35 -6.32
N LYS A 19 8.23 -31.02 -7.60
CA LYS A 19 9.10 -30.01 -8.14
C LYS A 19 8.26 -29.08 -8.97
N VAL A 20 8.26 -27.81 -8.58
CA VAL A 20 7.46 -26.79 -9.24
C VAL A 20 8.35 -25.88 -10.05
N SER A 21 7.82 -25.39 -11.17
CA SER A 21 8.63 -24.57 -12.04
C SER A 21 8.06 -23.18 -12.20
N CYS A 22 8.97 -22.24 -12.48
CA CYS A 22 8.69 -20.82 -12.63
C CYS A 22 9.37 -20.22 -13.85
N LYS A 23 8.60 -19.98 -14.91
CA LYS A 23 9.15 -19.51 -16.19
C LYS A 23 9.01 -17.99 -16.31
N ALA A 24 10.15 -17.32 -16.41
CA ALA A 24 10.26 -15.87 -16.55
C ALA A 24 10.43 -15.42 -18.01
N SER A 25 9.78 -14.32 -18.39
CA SER A 25 10.01 -13.75 -19.71
C SER A 25 9.90 -12.23 -19.66
N GLY A 26 10.63 -11.54 -20.52
CA GLY A 26 10.50 -10.11 -20.63
C GLY A 26 11.54 -9.33 -19.86
N TYR A 27 12.55 -10.02 -19.33
CA TYR A 27 13.65 -9.38 -18.63
C TYR A 27 14.81 -10.33 -18.51
N THR A 28 15.95 -9.83 -18.02
CA THR A 28 17.15 -10.65 -17.91
C THR A 28 17.10 -11.52 -16.67
N PHE A 29 16.69 -12.76 -16.87
CA PHE A 29 16.45 -13.72 -15.80
C PHE A 29 17.56 -13.84 -14.75
N THR A 30 18.77 -13.48 -15.10
CA THR A 30 19.89 -13.63 -14.19
C THR A 30 20.27 -12.39 -13.39
N GLY A 31 19.49 -11.31 -13.53
CA GLY A 31 19.78 -10.07 -12.83
C GLY A 31 19.14 -9.87 -11.48
N TYR A 32 18.05 -10.59 -11.22
CA TYR A 32 17.31 -10.45 -9.96
C TYR A 32 17.24 -11.76 -9.19
N TYR A 33 17.33 -11.64 -7.87
CA TYR A 33 17.04 -12.77 -6.98
C TYR A 33 15.63 -13.25 -7.21
N MET A 34 15.44 -14.57 -7.13
CA MET A 34 14.13 -15.19 -7.20
C MET A 34 13.77 -15.75 -5.83
N HIS A 35 12.58 -15.36 -5.34
CA HIS A 35 11.97 -15.88 -4.11
C HIS A 35 10.78 -16.80 -4.31
N TRP A 36 10.54 -17.63 -3.30
CA TRP A 36 9.41 -18.53 -3.26
C TRP A 36 8.68 -18.15 -1.96
N VAL A 37 7.36 -18.03 -2.03
CA VAL A 37 6.55 -17.76 -0.86
C VAL A 37 5.29 -18.65 -0.82
N ARG A 38 4.98 -19.15 0.37
CA ARG A 38 3.85 -20.02 0.41
C ARG A 38 2.58 -19.40 1.02
N GLN A 39 1.43 -19.86 0.53
CA GLN A 39 0.17 -19.43 1.11
C GLN A 39 -0.81 -20.63 1.14
N ALA A 40 -0.78 -21.28 2.30
CA ALA A 40 -1.70 -22.34 2.62
C ALA A 40 -3.11 -21.75 2.68
N PRO A 41 -4.11 -22.55 2.37
CA PRO A 41 -5.49 -22.02 2.28
C PRO A 41 -5.89 -21.13 3.48
N GLY A 42 -6.34 -19.91 3.22
CA GLY A 42 -6.74 -19.07 4.34
C GLY A 42 -5.61 -18.46 5.15
N GLN A 43 -4.36 -18.69 4.76
CA GLN A 43 -3.22 -18.15 5.51
C GLN A 43 -2.58 -16.92 4.89
N GLY A 44 -1.64 -16.34 5.64
CA GLY A 44 -0.95 -15.15 5.17
C GLY A 44 0.20 -15.63 4.30
N LEU A 45 0.95 -14.66 3.74
CA LEU A 45 2.12 -14.91 2.91
C LEU A 45 3.26 -15.36 3.79
N GLU A 46 3.97 -16.40 3.41
CA GLU A 46 5.04 -16.87 4.26
C GLU A 46 6.31 -17.04 3.42
N TRP A 47 7.34 -16.22 3.67
CA TRP A 47 8.57 -16.27 2.89
C TRP A 47 9.30 -17.57 3.15
N MET A 48 9.68 -18.24 2.07
CA MET A 48 10.31 -19.55 2.12
C MET A 48 11.81 -19.46 1.95
N GLY A 49 12.26 -18.60 1.01
CA GLY A 49 13.64 -18.54 0.65
C GLY A 49 13.96 -17.89 -0.69
N TRP A 50 15.23 -17.54 -0.91
CA TRP A 50 15.62 -17.02 -2.21
C TRP A 50 16.71 -17.84 -2.91
N ILE A 51 16.72 -17.74 -4.23
CA ILE A 51 17.81 -18.27 -5.05
C ILE A 51 18.41 -17.15 -5.93
N ASN A 52 19.73 -17.16 -6.08
CA ASN A 52 20.44 -16.30 -7.04
C ASN A 52 20.51 -17.03 -8.35
N PRO A 53 19.72 -16.58 -9.36
CA PRO A 53 19.56 -17.32 -10.61
C PRO A 53 20.86 -17.40 -11.37
N ASN A 54 21.68 -16.40 -11.12
CA ASN A 54 22.96 -16.31 -11.77
C ASN A 54 23.97 -17.27 -11.12
N SER A 55 24.09 -17.25 -9.80
CA SER A 55 25.09 -18.10 -9.14
C SER A 55 24.55 -19.45 -8.60
N GLY A 56 23.26 -19.49 -8.24
CA GLY A 56 22.64 -20.70 -7.69
C GLY A 56 22.57 -20.81 -6.16
N GLY A 57 23.22 -19.88 -5.46
CA GLY A 57 23.18 -19.77 -4.01
C GLY A 57 21.78 -19.62 -3.41
N THR A 58 21.56 -20.22 -2.26
CA THR A 58 20.24 -20.21 -1.66
C THR A 58 20.24 -19.73 -0.21
N ASN A 59 19.12 -19.19 0.24
CA ASN A 59 18.98 -18.84 1.65
C ASN A 59 17.53 -19.09 2.09
N TYR A 60 17.34 -19.77 3.22
CA TYR A 60 16.07 -20.29 3.66
C TYR A 60 15.55 -19.77 5.02
N ALA A 61 14.26 -19.49 5.15
CA ALA A 61 13.62 -19.19 6.47
C ALA A 61 13.74 -20.46 7.35
N GLN A 62 13.84 -20.33 8.66
CA GLN A 62 14.11 -21.51 9.51
C GLN A 62 13.09 -22.65 9.32
N LYS A 63 11.82 -22.27 9.16
CA LYS A 63 10.72 -23.20 8.95
C LYS A 63 10.85 -24.05 7.68
N PHE A 64 11.58 -23.54 6.70
CA PHE A 64 11.62 -24.17 5.39
C PHE A 64 12.97 -24.76 5.01
N GLN A 65 14.00 -24.39 5.76
CA GLN A 65 15.31 -24.94 5.49
C GLN A 65 15.45 -26.46 5.48
N GLY A 66 15.99 -27.02 4.41
CA GLY A 66 16.34 -28.42 4.44
C GLY A 66 15.48 -29.31 3.60
N TRP A 67 14.15 -29.15 3.70
CA TRP A 67 13.24 -30.01 2.96
C TRP A 67 12.67 -29.28 1.77
N VAL A 68 13.12 -28.04 1.62
CA VAL A 68 12.81 -27.24 0.45
C VAL A 68 14.16 -27.06 -0.28
N THR A 69 14.13 -27.23 -1.60
CA THR A 69 15.32 -27.17 -2.43
C THR A 69 15.02 -26.28 -3.64
N MET A 70 15.77 -25.19 -3.78
CA MET A 70 15.66 -24.26 -4.91
C MET A 70 16.76 -24.42 -5.93
N THR A 71 16.35 -24.56 -7.19
CA THR A 71 17.27 -24.65 -8.31
C THR A 71 16.78 -23.81 -9.48
N ARG A 72 17.56 -23.79 -10.56
CA ARG A 72 17.18 -23.04 -11.75
C ARG A 72 17.88 -23.56 -13.02
N ASP A 73 17.18 -23.36 -14.14
CA ASP A 73 17.70 -23.61 -15.47
C ASP A 73 17.72 -22.28 -16.26
N THR A 74 18.92 -21.78 -16.53
CA THR A 74 19.11 -20.51 -17.21
C THR A 74 18.54 -20.56 -18.64
N SER A 75 18.66 -21.75 -19.22
CA SER A 75 18.17 -22.09 -20.55
C SER A 75 16.80 -21.61 -21.03
N ILE A 76 15.81 -21.84 -20.16
CA ILE A 76 14.40 -21.60 -20.46
C ILE A 76 13.85 -20.60 -19.47
N SER A 77 14.78 -19.91 -18.80
CA SER A 77 14.45 -18.85 -17.84
C SER A 77 13.45 -19.35 -16.79
N THR A 78 13.74 -20.55 -16.29
CA THR A 78 12.85 -21.27 -15.40
C THR A 78 13.53 -21.59 -14.06
N ALA A 79 12.86 -21.17 -12.99
CA ALA A 79 13.27 -21.51 -11.62
C ALA A 79 12.49 -22.70 -11.06
N TYR A 80 13.14 -23.51 -10.22
CA TYR A 80 12.47 -24.68 -9.67
C TYR A 80 12.52 -24.70 -8.16
N MET A 81 11.43 -25.16 -7.57
CA MET A 81 11.37 -25.41 -6.13
C MET A 81 10.90 -26.82 -5.79
N GLU A 82 11.68 -27.54 -4.99
CA GLU A 82 11.32 -28.91 -4.60
C GLU A 82 10.99 -29.06 -3.09
N LEU A 83 9.87 -29.72 -2.81
CA LEU A 83 9.45 -30.04 -1.44
C LEU A 83 9.62 -31.54 -1.27
N SER A 84 10.34 -31.95 -0.23
CA SER A 84 10.60 -33.37 0.00
C SER A 84 9.84 -33.90 1.20
N ARG A 85 9.58 -35.20 1.22
CA ARG A 85 8.85 -35.89 2.30
C ARG A 85 7.59 -35.10 2.67
N LEU A 86 6.73 -34.90 1.67
CA LEU A 86 5.53 -34.06 1.80
C LEU A 86 4.60 -34.47 2.93
N ARG A 87 3.98 -33.46 3.55
CA ARG A 87 3.01 -33.74 4.56
C ARG A 87 1.68 -33.06 4.20
N SER A 88 0.57 -33.65 4.63
CA SER A 88 -0.75 -33.07 4.42
C SER A 88 -0.81 -31.57 4.68
N ASP A 89 -0.15 -31.12 5.74
CA ASP A 89 -0.06 -29.69 6.01
C ASP A 89 0.67 -28.87 4.91
N ASP A 90 1.37 -29.51 3.98
CA ASP A 90 2.09 -28.75 2.93
C ASP A 90 1.19 -28.38 1.77
N THR A 91 -0.06 -28.82 1.82
CA THR A 91 -1.05 -28.43 0.83
C THR A 91 -1.21 -26.90 0.85
N ALA A 92 -0.90 -26.25 -0.26
CA ALA A 92 -0.86 -24.80 -0.29
C ALA A 92 -0.73 -24.29 -1.72
N VAL A 93 -0.82 -22.98 -1.88
CA VAL A 93 -0.41 -22.39 -3.15
C VAL A 93 1.02 -21.86 -3.02
N TYR A 94 1.86 -22.18 -3.98
CA TYR A 94 3.24 -21.71 -3.94
C TYR A 94 3.54 -20.66 -5.02
N TYR A 95 4.07 -19.52 -4.58
CA TYR A 95 4.40 -18.41 -5.49
C TYR A 95 5.88 -18.20 -5.61
N CYS A 96 6.37 -17.99 -6.82
CA CYS A 96 7.70 -17.43 -6.95
C CYS A 96 7.55 -15.94 -7.24
N ALA A 97 8.50 -15.16 -6.77
CA ALA A 97 8.47 -13.71 -6.95
C ALA A 97 9.86 -13.14 -7.20
N ARG A 98 9.91 -12.18 -8.08
CA ARG A 98 11.15 -11.52 -8.41
C ARG A 98 11.42 -10.41 -7.40
N GLY A 99 12.63 -10.32 -6.86
CA GLY A 99 12.95 -9.21 -5.97
C GLY A 99 14.41 -9.06 -5.56
N GLY A 100 15.05 -7.94 -5.91
CA GLY A 100 16.38 -7.72 -5.40
C GLY A 100 17.43 -7.94 -6.48
N LEU A 101 18.40 -7.04 -6.63
CA LEU A 101 19.36 -7.20 -7.73
C LEU A 101 20.59 -8.02 -7.35
N TYR A 109 20.09 -3.16 -2.24
CA TYR A 109 19.39 -3.16 -3.54
C TYR A 109 18.20 -4.11 -3.71
N TYR A 110 17.21 -3.91 -2.84
CA TYR A 110 15.92 -4.60 -2.83
C TYR A 110 14.75 -3.60 -2.88
N TYR A 111 13.93 -3.70 -3.92
CA TYR A 111 12.80 -2.78 -4.06
C TYR A 111 11.44 -3.47 -3.94
N GLY A 112 11.42 -4.56 -3.17
CA GLY A 112 10.21 -5.34 -3.04
C GLY A 112 10.05 -6.38 -4.12
N MET A 113 8.98 -7.15 -4.02
CA MET A 113 8.76 -8.18 -5.02
C MET A 113 7.80 -7.59 -6.05
N ASP A 114 8.35 -7.10 -7.14
CA ASP A 114 7.49 -6.43 -8.10
C ASP A 114 6.75 -7.36 -9.07
N VAL A 115 7.29 -8.54 -9.35
CA VAL A 115 6.61 -9.47 -10.24
C VAL A 115 6.32 -10.84 -9.58
N TRP A 116 5.08 -11.31 -9.70
CA TRP A 116 4.67 -12.55 -9.07
C TRP A 116 4.15 -13.52 -10.12
N GLY A 117 4.44 -14.82 -9.96
CA GLY A 117 3.82 -15.83 -10.79
C GLY A 117 2.36 -15.95 -10.39
N GLN A 118 1.62 -16.79 -11.10
CA GLN A 118 0.20 -16.91 -10.85
C GLN A 118 -0.09 -17.88 -9.72
N GLY A 119 0.96 -18.58 -9.26
CA GLY A 119 0.80 -19.53 -8.18
C GLY A 119 0.58 -20.96 -8.65
N THR A 120 1.21 -21.89 -7.94
CA THR A 120 1.07 -23.30 -8.20
C THR A 120 0.44 -23.96 -6.99
N THR A 121 -0.67 -24.67 -7.18
CA THR A 121 -1.32 -25.44 -6.12
C THR A 121 -0.73 -26.82 -5.95
N VAL A 122 -0.27 -27.11 -4.74
CA VAL A 122 0.25 -28.42 -4.45
C VAL A 122 -0.69 -29.06 -3.42
N THR A 123 -1.29 -30.17 -3.81
CA THR A 123 -2.20 -30.81 -2.88
C THR A 123 -1.58 -32.11 -2.44
N VAL A 124 -1.58 -32.35 -1.14
CA VAL A 124 -1.04 -33.60 -0.62
C VAL A 124 -2.22 -34.44 -0.21
N SER A 125 -2.38 -35.58 -0.87
CA SER A 125 -3.49 -36.49 -0.58
C SER A 125 -3.23 -37.89 -1.09
N SER A 126 -3.92 -38.85 -0.49
CA SER A 126 -3.81 -40.27 -0.82
C SER A 126 -4.83 -40.78 -1.85
N ALA A 127 -5.84 -39.98 -2.16
CA ALA A 127 -6.77 -40.33 -3.23
C ALA A 127 -6.06 -40.47 -4.59
N SER A 128 -6.66 -41.31 -5.42
CA SER A 128 -6.24 -41.72 -6.75
C SER A 128 -6.94 -40.88 -7.83
N THR A 129 -6.28 -40.64 -8.96
CA THR A 129 -6.89 -39.90 -10.06
C THR A 129 -8.16 -40.58 -10.49
N LYS A 130 -9.23 -39.81 -10.61
CA LYS A 130 -10.54 -40.36 -10.93
C LYS A 130 -11.32 -39.42 -11.85
N GLY A 131 -11.69 -39.90 -13.03
CA GLY A 131 -12.47 -39.08 -13.94
C GLY A 131 -13.89 -38.86 -13.46
N PRO A 132 -14.49 -37.72 -13.84
CA PRO A 132 -15.83 -37.37 -13.37
C PRO A 132 -16.95 -38.08 -14.14
N SER A 133 -18.07 -38.28 -13.45
CA SER A 133 -19.31 -38.67 -14.11
C SER A 133 -20.02 -37.34 -14.32
N VAL A 134 -20.52 -37.10 -15.51
CA VAL A 134 -21.14 -35.83 -15.81
C VAL A 134 -22.65 -35.95 -16.01
N PHE A 135 -23.43 -35.14 -15.31
CA PHE A 135 -24.87 -35.24 -15.40
C PHE A 135 -25.55 -33.92 -15.74
N PRO A 136 -26.51 -33.97 -16.67
CA PRO A 136 -27.21 -32.77 -17.11
C PRO A 136 -28.29 -32.40 -16.09
N LEU A 137 -28.42 -31.11 -15.76
CA LEU A 137 -29.43 -30.62 -14.84
C LEU A 137 -30.53 -29.90 -15.62
N ALA A 138 -31.53 -30.67 -16.05
CA ALA A 138 -32.60 -30.11 -16.85
C ALA A 138 -33.36 -28.99 -16.09
N PRO A 139 -33.88 -28.00 -16.82
CA PRO A 139 -34.61 -26.84 -16.28
C PRO A 139 -36.09 -27.04 -15.97
N SER A 140 -36.60 -26.30 -14.99
CA SER A 140 -37.99 -26.46 -14.55
C SER A 140 -38.97 -25.86 -15.57
N GLY A 146 -42.59 -18.63 -18.33
CA GLY A 146 -41.67 -17.82 -17.57
C GLY A 146 -40.66 -17.09 -18.43
N GLY A 147 -39.96 -16.13 -17.83
CA GLY A 147 -38.99 -15.31 -18.54
C GLY A 147 -37.65 -15.98 -18.77
N THR A 148 -36.94 -16.32 -17.69
CA THR A 148 -35.68 -17.04 -17.84
C THR A 148 -35.75 -18.41 -17.23
N ALA A 149 -34.79 -19.25 -17.60
CA ALA A 149 -34.66 -20.58 -17.03
C ALA A 149 -33.21 -20.87 -16.66
N ALA A 150 -33.01 -21.82 -15.76
CA ALA A 150 -31.67 -22.15 -15.31
C ALA A 150 -31.43 -23.61 -15.65
N LEU A 151 -30.58 -23.82 -16.62
CA LEU A 151 -30.21 -25.15 -17.03
C LEU A 151 -28.75 -25.35 -16.60
N GLY A 152 -28.37 -26.58 -16.32
CA GLY A 152 -27.05 -26.87 -15.81
C GLY A 152 -26.40 -28.22 -16.03
N CYS A 153 -25.22 -28.36 -15.43
CA CYS A 153 -24.41 -29.57 -15.58
C CYS A 153 -23.77 -29.98 -14.26
N LEU A 154 -23.80 -31.27 -13.95
CA LEU A 154 -23.21 -31.79 -12.72
C LEU A 154 -21.96 -32.61 -12.98
N VAL A 155 -20.83 -32.13 -12.46
CA VAL A 155 -19.57 -32.83 -12.60
C VAL A 155 -19.22 -33.52 -11.30
N LYS A 156 -19.42 -34.82 -11.26
CA LYS A 156 -19.44 -35.50 -9.97
C LYS A 156 -18.26 -36.43 -9.71
N ASP A 157 -17.76 -36.40 -8.48
CA ASP A 157 -16.79 -37.36 -7.97
C ASP A 157 -15.54 -37.50 -8.84
N TYR A 158 -14.66 -36.51 -8.77
CA TYR A 158 -13.44 -36.54 -9.55
C TYR A 158 -12.24 -36.16 -8.71
N PHE A 159 -11.07 -36.56 -9.16
CA PHE A 159 -9.84 -36.19 -8.48
C PHE A 159 -8.71 -36.23 -9.47
N PRO A 160 -7.87 -35.17 -9.52
CA PRO A 160 -7.88 -33.98 -8.65
C PRO A 160 -8.54 -32.81 -9.30
N GLU A 161 -8.32 -31.64 -8.72
CA GLU A 161 -8.66 -30.38 -9.37
C GLU A 161 -7.63 -30.22 -10.48
N PRO A 162 -7.97 -29.47 -11.53
CA PRO A 162 -9.27 -28.84 -11.78
C PRO A 162 -9.97 -29.52 -12.97
N VAL A 163 -11.21 -29.13 -13.23
CA VAL A 163 -11.92 -29.49 -14.45
C VAL A 163 -12.27 -28.22 -15.21
N THR A 164 -12.46 -28.33 -16.51
CA THR A 164 -12.94 -27.16 -17.26
C THR A 164 -14.28 -27.44 -17.91
N VAL A 165 -15.17 -26.46 -17.75
CA VAL A 165 -16.50 -26.49 -18.32
C VAL A 165 -16.68 -25.32 -19.27
N SER A 166 -17.04 -25.59 -20.52
CA SER A 166 -17.49 -24.54 -21.41
C SER A 166 -18.88 -24.92 -21.90
N TRP A 167 -19.61 -23.96 -22.47
CA TRP A 167 -20.92 -24.26 -23.04
C TRP A 167 -20.93 -24.08 -24.55
N ASN A 168 -21.49 -25.07 -25.24
CA ASN A 168 -21.55 -25.08 -26.69
C ASN A 168 -20.20 -24.80 -27.33
N SER A 169 -19.18 -25.53 -26.87
CA SER A 169 -17.80 -25.42 -27.37
C SER A 169 -17.25 -23.98 -27.32
N GLY A 170 -17.75 -23.18 -26.39
CA GLY A 170 -17.27 -21.81 -26.21
C GLY A 170 -18.21 -20.73 -26.73
N ALA A 171 -19.22 -21.14 -27.48
CA ALA A 171 -20.13 -20.19 -28.11
C ALA A 171 -21.00 -19.52 -27.06
N LEU A 172 -21.15 -20.18 -25.93
CA LEU A 172 -21.98 -19.67 -24.84
C LEU A 172 -21.15 -19.27 -23.62
N THR A 173 -21.13 -17.98 -23.34
CA THR A 173 -20.33 -17.42 -22.26
C THR A 173 -21.15 -16.48 -21.39
N SER A 174 -22.26 -15.97 -21.92
CA SER A 174 -23.09 -15.07 -21.14
C SER A 174 -24.13 -15.81 -20.35
N GLY A 175 -24.16 -15.54 -19.06
CA GLY A 175 -25.09 -16.23 -18.20
C GLY A 175 -24.51 -17.52 -17.66
N VAL A 176 -23.21 -17.73 -17.84
CA VAL A 176 -22.57 -18.93 -17.35
C VAL A 176 -22.02 -18.66 -15.97
N HIS A 177 -22.50 -19.42 -15.00
CA HIS A 177 -21.92 -19.38 -13.67
C HIS A 177 -21.43 -20.80 -13.30
N THR A 178 -20.12 -20.95 -13.19
CA THR A 178 -19.50 -22.21 -12.80
C THR A 178 -18.99 -22.06 -11.40
N PHE A 179 -19.56 -22.87 -10.50
CA PHE A 179 -19.30 -22.74 -9.08
C PHE A 179 -18.00 -23.39 -8.62
N PRO A 180 -17.37 -22.83 -7.58
CA PRO A 180 -16.18 -23.51 -7.05
C PRO A 180 -16.59 -24.91 -6.59
N ALA A 181 -15.69 -25.86 -6.79
CA ALA A 181 -15.91 -27.27 -6.53
C ALA A 181 -15.99 -27.46 -5.04
N VAL A 182 -16.75 -28.48 -4.61
CA VAL A 182 -16.74 -28.94 -3.23
C VAL A 182 -15.83 -30.17 -3.02
N LEU A 183 -15.02 -30.13 -1.97
CA LEU A 183 -14.19 -31.28 -1.61
C LEU A 183 -15.03 -32.14 -0.65
N GLN A 184 -15.65 -33.19 -1.17
CA GLN A 184 -16.46 -34.07 -0.34
C GLN A 184 -15.68 -34.85 0.72
N SER A 185 -16.40 -35.54 1.60
CA SER A 185 -15.76 -36.35 2.63
C SER A 185 -15.01 -37.54 1.98
N SER A 186 -15.56 -38.07 0.89
CA SER A 186 -14.96 -39.19 0.18
C SER A 186 -13.52 -38.95 -0.23
N GLY A 187 -13.08 -37.70 -0.27
CA GLY A 187 -11.77 -37.40 -0.85
C GLY A 187 -11.93 -36.77 -2.23
N LEU A 188 -13.06 -37.04 -2.90
CA LEU A 188 -13.30 -36.55 -4.26
C LEU A 188 -14.00 -35.17 -4.33
N TYR A 189 -13.86 -34.51 -5.48
CA TYR A 189 -14.50 -33.22 -5.75
C TYR A 189 -15.81 -33.34 -6.50
N SER A 190 -16.64 -32.30 -6.46
CA SER A 190 -17.84 -32.17 -7.31
C SER A 190 -18.02 -30.68 -7.54
N LEU A 191 -18.55 -30.32 -8.71
CA LEU A 191 -18.81 -28.91 -9.06
C LEU A 191 -19.94 -28.89 -10.05
N SER A 192 -20.73 -27.81 -10.02
CA SER A 192 -21.84 -27.65 -10.94
C SER A 192 -21.63 -26.42 -11.84
N SER A 193 -22.11 -26.47 -13.08
CA SER A 193 -22.16 -25.28 -13.91
C SER A 193 -23.59 -24.98 -14.34
N VAL A 194 -24.02 -23.74 -14.14
CA VAL A 194 -25.36 -23.35 -14.54
C VAL A 194 -25.33 -22.18 -15.49
N VAL A 195 -26.18 -22.23 -16.50
CA VAL A 195 -26.35 -21.13 -17.44
C VAL A 195 -27.81 -20.63 -17.47
N THR A 196 -28.00 -19.32 -17.33
CA THR A 196 -29.32 -18.72 -17.43
C THR A 196 -29.63 -18.40 -18.87
N VAL A 197 -30.73 -18.98 -19.35
CA VAL A 197 -31.17 -18.79 -20.73
C VAL A 197 -32.64 -18.42 -20.80
N PRO A 198 -33.08 -17.74 -21.89
CA PRO A 198 -34.50 -17.40 -22.07
C PRO A 198 -35.40 -18.62 -22.24
N SER A 199 -36.58 -18.60 -21.62
CA SER A 199 -37.47 -19.76 -21.68
C SER A 199 -38.03 -20.05 -23.07
N SER A 200 -37.91 -19.10 -23.99
CA SER A 200 -38.43 -19.31 -25.33
C SER A 200 -37.46 -20.12 -26.17
N SER A 201 -36.21 -20.15 -25.72
CA SER A 201 -35.11 -20.84 -26.39
C SER A 201 -35.17 -22.36 -26.23
N LEU A 202 -35.71 -22.85 -25.11
CA LEU A 202 -35.83 -24.30 -24.92
C LEU A 202 -36.75 -24.97 -25.92
N GLY A 203 -36.34 -26.15 -26.37
CA GLY A 203 -37.03 -26.79 -27.47
C GLY A 203 -36.53 -26.30 -28.82
N THR A 204 -35.97 -25.09 -28.85
CA THR A 204 -35.38 -24.48 -30.07
C THR A 204 -33.85 -24.46 -30.12
N GLN A 205 -33.22 -24.29 -28.98
CA GLN A 205 -31.77 -24.11 -28.93
C GLN A 205 -31.11 -25.31 -28.27
N THR A 206 -29.95 -25.70 -28.80
CA THR A 206 -29.19 -26.79 -28.23
C THR A 206 -28.22 -26.32 -27.16
N TYR A 207 -28.18 -27.03 -26.04
CA TYR A 207 -27.33 -26.65 -24.92
C TYR A 207 -26.43 -27.83 -24.56
N ILE A 208 -25.12 -27.65 -24.71
CA ILE A 208 -24.17 -28.71 -24.42
C ILE A 208 -23.00 -28.20 -23.58
N CYS A 209 -22.79 -28.82 -22.42
CA CYS A 209 -21.70 -28.44 -21.54
C CYS A 209 -20.47 -29.30 -21.80
N ASN A 210 -19.40 -28.64 -22.26
CA ASN A 210 -18.14 -29.34 -22.54
C ASN A 210 -17.30 -29.45 -21.28
N VAL A 211 -17.06 -30.68 -20.83
CA VAL A 211 -16.31 -30.91 -19.60
C VAL A 211 -14.96 -31.55 -19.89
N ASN A 212 -13.91 -30.97 -19.35
CA ASN A 212 -12.58 -31.55 -19.56
C ASN A 212 -11.81 -31.77 -18.28
N HIS A 213 -11.42 -33.01 -18.03
CA HIS A 213 -10.61 -33.29 -16.86
C HIS A 213 -9.30 -33.88 -17.36
N LYS A 214 -8.34 -32.99 -17.62
CA LYS A 214 -7.03 -33.39 -18.12
C LYS A 214 -6.34 -34.50 -17.31
N PRO A 215 -6.30 -34.40 -15.96
CA PRO A 215 -5.58 -35.40 -15.17
C PRO A 215 -5.98 -36.84 -15.46
N SER A 216 -7.23 -37.10 -15.78
CA SER A 216 -7.66 -38.46 -16.11
C SER A 216 -7.85 -38.69 -17.61
N ASN A 217 -7.45 -37.70 -18.40
CA ASN A 217 -7.68 -37.68 -19.85
C ASN A 217 -9.14 -37.99 -20.15
N THR A 218 -10.03 -37.17 -19.61
CA THR A 218 -11.46 -37.33 -19.84
C THR A 218 -12.06 -36.09 -20.50
N LYS A 219 -12.65 -36.27 -21.67
CA LYS A 219 -13.44 -35.23 -22.30
C LYS A 219 -14.84 -35.78 -22.52
N VAL A 220 -15.85 -35.04 -22.06
CA VAL A 220 -17.23 -35.48 -22.18
C VAL A 220 -18.13 -34.32 -22.63
N ASP A 221 -19.06 -34.60 -23.54
CA ASP A 221 -20.08 -33.63 -23.93
C ASP A 221 -21.46 -34.17 -23.59
N LYS A 222 -22.26 -33.35 -22.91
CA LYS A 222 -23.63 -33.71 -22.57
C LYS A 222 -24.69 -32.73 -23.05
N ARG A 223 -25.65 -33.24 -23.80
CA ARG A 223 -26.81 -32.42 -24.15
C ARG A 223 -27.72 -32.25 -22.96
N VAL A 224 -28.02 -31.00 -22.63
CA VAL A 224 -28.93 -30.69 -21.54
C VAL A 224 -30.30 -30.29 -22.11
N GLU A 225 -31.28 -31.19 -22.09
CA GLU A 225 -32.64 -30.92 -22.61
C GLU A 225 -33.70 -30.78 -21.52
N PRO A 226 -34.78 -30.02 -21.84
CA PRO A 226 -35.93 -29.87 -20.93
C PRO A 226 -36.50 -31.21 -20.48
N LYS A 227 -37.23 -31.23 -19.36
CA LYS A 227 -37.75 -32.49 -18.86
C LYS A 227 -38.99 -32.93 -19.63
N GLN B 1 13.19 -9.40 17.53
CA GLN B 1 14.22 -8.97 16.59
C GLN B 1 13.74 -8.96 15.14
N SER B 2 12.87 -9.92 14.81
CA SER B 2 12.41 -10.11 13.42
C SER B 2 10.93 -10.43 13.31
N VAL B 3 10.10 -9.64 13.97
CA VAL B 3 8.66 -9.79 13.89
C VAL B 3 8.04 -8.48 13.44
N LEU B 4 7.13 -8.58 12.49
CA LEU B 4 6.41 -7.42 11.97
C LEU B 4 4.96 -7.51 12.44
N THR B 5 4.50 -6.52 13.17
CA THR B 5 3.10 -6.57 13.60
C THR B 5 2.14 -5.66 12.83
N GLN B 6 0.99 -6.21 12.42
CA GLN B 6 -0.06 -5.42 11.78
C GLN B 6 -1.34 -5.59 12.59
N PRO B 7 -2.23 -4.60 12.55
CA PRO B 7 -3.56 -4.83 13.11
C PRO B 7 -4.16 -5.93 12.23
N PRO B 8 -4.83 -6.93 12.80
CA PRO B 8 -5.35 -8.04 11.96
C PRO B 8 -6.53 -7.59 11.07
N SER B 9 -7.18 -6.50 11.46
CA SER B 9 -8.24 -5.96 10.64
C SER B 9 -8.47 -4.47 10.81
N VAL B 10 -8.92 -3.83 9.74
CA VAL B 10 -9.21 -2.41 9.76
C VAL B 10 -10.50 -2.25 8.96
N SER B 11 -11.42 -1.43 9.42
CA SER B 11 -12.59 -1.23 8.62
C SER B 11 -12.88 0.24 8.49
N VAL B 12 -13.43 0.66 7.35
CA VAL B 12 -13.48 2.08 7.02
C VAL B 12 -14.66 2.41 6.11
N ALA B 13 -15.31 3.54 6.36
CA ALA B 13 -16.40 3.96 5.50
C ALA B 13 -15.86 4.40 4.17
N PRO B 14 -16.66 4.25 3.09
CA PRO B 14 -16.22 4.62 1.74
C PRO B 14 -15.93 6.12 1.64
N GLY B 15 -14.90 6.47 0.89
CA GLY B 15 -14.56 7.87 0.75
C GLY B 15 -13.71 8.38 1.89
N GLN B 16 -13.57 7.59 2.94
CA GLN B 16 -12.76 7.99 4.07
C GLN B 16 -11.32 7.53 3.85
N THR B 17 -10.47 7.80 4.82
CA THR B 17 -9.05 7.46 4.72
C THR B 17 -8.74 6.28 5.63
N ALA B 18 -8.13 5.24 5.07
CA ALA B 18 -7.70 4.15 5.93
C ALA B 18 -6.22 4.16 6.23
N ARG B 19 -5.88 3.61 7.39
CA ARG B 19 -4.52 3.58 7.85
C ARG B 19 -4.16 2.21 8.39
N ILE B 20 -3.12 1.62 7.85
CA ILE B 20 -2.71 0.31 8.29
C ILE B 20 -1.27 0.37 8.74
N THR B 21 -0.98 -0.05 9.97
CA THR B 21 0.35 0.05 10.55
C THR B 21 1.17 -1.22 10.47
N CYS B 22 2.48 -1.07 10.57
CA CYS B 22 3.40 -2.18 10.50
C CYS B 22 4.46 -1.91 11.54
N GLY B 23 4.39 -2.62 12.66
CA GLY B 23 5.26 -2.36 13.78
C GLY B 23 6.52 -3.18 13.76
N GLY B 24 7.64 -2.59 14.11
CA GLY B 24 8.84 -3.39 14.19
C GLY B 24 9.95 -2.67 14.91
N ASN B 25 10.83 -3.43 15.52
CA ASN B 25 11.98 -2.87 16.19
C ASN B 25 12.88 -2.12 15.19
N ASN B 26 13.07 -0.82 15.40
CA ASN B 26 13.83 0.03 14.47
C ASN B 26 13.38 -0.15 13.04
N ILE B 27 12.09 -0.37 12.80
CA ILE B 27 11.65 -0.54 11.42
C ILE B 27 11.92 0.76 10.61
N GLY B 28 12.00 1.90 11.28
CA GLY B 28 12.16 3.17 10.63
C GLY B 28 13.49 3.26 9.92
N SER B 29 14.38 2.31 10.21
CA SER B 29 15.70 2.36 9.62
C SER B 29 15.87 1.25 8.60
N LYS B 30 14.75 0.63 8.26
CA LYS B 30 14.75 -0.54 7.41
C LYS B 30 13.94 -0.08 6.23
N SER B 31 13.66 -0.95 5.32
CA SER B 31 13.01 -0.46 4.14
C SER B 31 11.72 -1.26 3.96
N VAL B 32 10.56 -0.61 4.04
CA VAL B 32 9.31 -1.38 4.10
C VAL B 32 8.49 -1.44 2.81
N HIS B 33 7.95 -2.63 2.53
CA HIS B 33 7.19 -2.76 1.29
C HIS B 33 5.79 -3.21 1.65
N TRP B 34 4.82 -2.86 0.82
CA TRP B 34 3.46 -3.27 1.02
C TRP B 34 2.85 -3.98 -0.15
N TYR B 35 1.99 -4.97 0.16
CA TYR B 35 1.32 -5.78 -0.84
C TYR B 35 -0.19 -5.84 -0.63
N GLN B 36 -0.91 -5.80 -1.74
CA GLN B 36 -2.34 -5.92 -1.72
C GLN B 36 -2.69 -7.27 -2.35
N GLN B 37 -3.55 -8.04 -1.68
CA GLN B 37 -4.01 -9.29 -2.24
C GLN B 37 -5.50 -9.39 -2.15
N LYS B 38 -6.15 -9.44 -3.31
CA LYS B 38 -7.57 -9.67 -3.37
C LYS B 38 -7.77 -11.19 -3.51
N PRO B 39 -8.96 -11.69 -3.13
CA PRO B 39 -9.25 -13.13 -3.09
C PRO B 39 -9.07 -13.83 -4.44
N GLY B 40 -8.26 -14.89 -4.40
CA GLY B 40 -7.93 -15.72 -5.55
C GLY B 40 -6.90 -15.17 -6.51
N GLN B 41 -6.41 -13.97 -6.25
CA GLN B 41 -5.39 -13.41 -7.12
C GLN B 41 -4.03 -13.48 -6.40
N ALA B 42 -2.95 -13.22 -7.13
CA ALA B 42 -1.58 -13.08 -6.58
C ALA B 42 -1.38 -11.70 -5.96
N PRO B 43 -0.55 -11.61 -4.92
CA PRO B 43 -0.27 -10.31 -4.28
C PRO B 43 0.27 -9.31 -5.29
N VAL B 44 -0.04 -8.04 -5.06
CA VAL B 44 0.46 -6.98 -5.90
C VAL B 44 1.23 -5.97 -5.05
N LEU B 45 2.42 -5.59 -5.49
CA LEU B 45 3.19 -4.56 -4.80
C LEU B 45 2.53 -3.21 -5.00
N VAL B 46 2.14 -2.57 -3.92
CA VAL B 46 1.46 -1.29 -4.05
C VAL B 46 2.37 -0.20 -3.54
N VAL B 47 3.23 -0.53 -2.59
CA VAL B 47 4.17 0.46 -2.11
C VAL B 47 5.53 -0.20 -1.85
N TYR B 48 6.62 0.45 -2.28
CA TYR B 48 7.94 -0.09 -1.96
C TYR B 48 8.86 1.01 -1.40
N ASP B 49 9.94 0.59 -0.74
CA ASP B 49 10.86 1.53 -0.12
C ASP B 49 10.15 2.58 0.71
N ASP B 50 9.28 2.15 1.61
CA ASP B 50 8.54 3.03 2.49
C ASP B 50 7.40 3.74 1.80
N SER B 51 7.67 4.34 0.64
CA SER B 51 6.69 5.25 0.09
C SER B 51 6.61 5.43 -1.45
N ASP B 52 7.46 4.75 -2.21
CA ASP B 52 7.33 4.86 -3.66
C ASP B 52 6.17 4.01 -4.18
N ARG B 53 5.46 4.47 -5.19
CA ARG B 53 4.45 3.64 -5.84
C ARG B 53 5.00 3.11 -7.12
N PRO B 54 4.79 1.82 -7.38
CA PRO B 54 5.12 1.30 -8.72
C PRO B 54 4.19 1.96 -9.72
N SER B 55 4.56 1.99 -10.99
CA SER B 55 3.70 2.62 -11.95
C SER B 55 2.36 1.87 -12.01
N GLY B 56 1.26 2.61 -12.19
CA GLY B 56 -0.07 2.03 -12.23
C GLY B 56 -0.85 2.04 -10.91
N ILE B 57 -0.14 2.22 -9.79
CA ILE B 57 -0.77 2.36 -8.50
C ILE B 57 -1.14 3.84 -8.25
N PRO B 58 -2.43 4.13 -8.06
CA PRO B 58 -2.89 5.52 -7.94
C PRO B 58 -2.34 6.21 -6.70
N GLU B 59 -2.35 7.55 -6.64
CA GLU B 59 -1.82 8.22 -5.46
C GLU B 59 -2.54 8.09 -4.16
N ARG B 60 -3.76 7.57 -4.18
CA ARG B 60 -4.50 7.36 -2.94
C ARG B 60 -3.68 6.46 -2.01
N PHE B 61 -2.86 5.60 -2.60
CA PHE B 61 -1.95 4.77 -1.83
C PHE B 61 -0.67 5.53 -1.52
N SER B 62 -0.43 5.77 -0.25
CA SER B 62 0.83 6.38 0.16
C SER B 62 1.43 5.59 1.31
N GLY B 63 2.65 5.91 1.65
CA GLY B 63 3.32 5.14 2.67
C GLY B 63 4.21 6.03 3.49
N SER B 64 4.54 5.53 4.66
CA SER B 64 5.40 6.24 5.53
C SER B 64 6.18 5.32 6.43
N ASN B 65 7.27 5.78 7.01
CA ASN B 65 8.02 4.87 7.86
C ASN B 65 8.91 5.66 8.83
N SER B 66 8.66 5.56 10.12
CA SER B 66 9.49 6.32 11.05
C SER B 66 9.47 5.63 12.40
N GLY B 67 10.61 5.59 13.08
CA GLY B 67 10.70 5.01 14.41
C GLY B 67 10.42 3.51 14.42
N ASN B 68 9.42 3.08 15.17
CA ASN B 68 9.07 1.65 15.19
C ASN B 68 7.76 1.34 14.46
N THR B 69 7.29 2.29 13.64
CA THR B 69 6.05 2.04 12.96
C THR B 69 6.03 2.49 11.51
N ALA B 70 5.76 1.59 10.58
CA ALA B 70 5.54 2.01 9.19
C ALA B 70 4.04 2.07 8.93
N THR B 71 3.58 2.94 8.05
CA THR B 71 2.14 3.08 7.82
C THR B 71 1.77 3.11 6.37
N LEU B 72 0.84 2.24 5.97
CA LEU B 72 0.23 2.36 4.67
C LEU B 72 -1.06 3.14 4.84
N THR B 73 -1.27 4.10 3.98
CA THR B 73 -2.43 4.97 4.07
C THR B 73 -3.15 4.95 2.74
N ILE B 74 -4.45 4.67 2.79
CA ILE B 74 -5.25 4.63 1.58
C ILE B 74 -6.30 5.70 1.61
N SER B 75 -6.14 6.70 0.75
CA SER B 75 -7.07 7.81 0.68
C SER B 75 -8.25 7.52 -0.21
N ARG B 76 -9.35 8.20 0.06
CA ARG B 76 -10.57 8.08 -0.72
C ARG B 76 -10.96 6.64 -0.99
N VAL B 77 -11.14 5.86 0.05
CA VAL B 77 -11.35 4.40 -0.10
C VAL B 77 -12.55 4.04 -0.94
N GLU B 78 -12.35 3.09 -1.83
CA GLU B 78 -13.40 2.53 -2.67
C GLU B 78 -13.66 1.09 -2.24
N ALA B 79 -14.78 0.54 -2.64
CA ALA B 79 -15.09 -0.83 -2.27
C ALA B 79 -14.07 -1.77 -2.92
N GLY B 80 -13.56 -1.38 -4.08
CA GLY B 80 -12.52 -2.17 -4.72
C GLY B 80 -11.19 -2.22 -4.00
N ASP B 81 -11.06 -1.47 -2.90
CA ASP B 81 -9.81 -1.51 -2.12
C ASP B 81 -9.88 -2.63 -1.06
N GLU B 82 -11.02 -3.31 -0.95
CA GLU B 82 -11.10 -4.44 -0.01
C GLU B 82 -10.17 -5.57 -0.38
N ALA B 83 -9.33 -5.98 0.56
CA ALA B 83 -8.25 -6.95 0.31
C ALA B 83 -7.51 -7.26 1.59
N ASP B 84 -6.54 -8.15 1.49
CA ASP B 84 -5.56 -8.29 2.55
C ASP B 84 -4.31 -7.44 2.16
N TYR B 85 -3.68 -6.82 3.16
CA TYR B 85 -2.49 -6.01 2.95
C TYR B 85 -1.35 -6.53 3.79
N TYR B 86 -0.21 -6.79 3.16
CA TYR B 86 0.92 -7.29 3.90
C TYR B 86 2.06 -6.25 3.88
N CYS B 87 2.69 -6.02 5.01
CA CYS B 87 3.94 -5.30 4.98
C CYS B 87 5.11 -6.30 5.03
N GLN B 88 6.30 -5.78 4.72
CA GLN B 88 7.45 -6.64 4.46
C GLN B 88 8.78 -5.89 4.57
N VAL B 89 9.77 -6.52 5.18
CA VAL B 89 11.09 -5.96 5.13
C VAL B 89 12.10 -7.04 4.79
N TRP B 90 13.28 -6.64 4.28
CA TRP B 90 14.41 -7.53 4.20
C TRP B 90 15.16 -7.30 5.52
N ASP B 91 15.41 -8.32 6.32
CA ASP B 91 16.17 -8.12 7.56
C ASP B 91 17.63 -8.35 7.27
N SER B 92 18.40 -7.26 7.20
CA SER B 92 19.81 -7.33 6.85
C SER B 92 20.65 -8.16 7.79
N SER B 93 20.24 -8.20 9.04
CA SER B 93 20.99 -8.89 10.08
C SER B 93 20.72 -10.41 10.12
N SER B 94 20.17 -10.96 9.03
CA SER B 94 19.80 -12.38 8.96
C SER B 94 19.60 -12.80 7.50
N ASP B 95 19.54 -11.83 6.59
CA ASP B 95 19.20 -12.05 5.18
C ASP B 95 17.94 -12.86 4.99
N HIS B 96 16.93 -12.60 5.81
CA HIS B 96 15.62 -13.23 5.63
C HIS B 96 14.63 -12.18 5.14
N VAL B 97 13.62 -12.62 4.40
CA VAL B 97 12.54 -11.69 4.11
C VAL B 97 11.45 -11.99 5.14
N VAL B 98 10.89 -10.96 5.75
CA VAL B 98 9.84 -11.15 6.69
C VAL B 98 8.52 -10.43 6.28
N PHE B 99 7.41 -11.16 6.28
CA PHE B 99 6.07 -10.59 6.05
C PHE B 99 5.45 -10.32 7.41
N GLY B 100 4.60 -9.30 7.44
CA GLY B 100 3.68 -9.09 8.55
C GLY B 100 2.57 -10.11 8.47
N GLY B 101 1.77 -10.17 9.52
CA GLY B 101 0.74 -11.18 9.57
C GLY B 101 -0.45 -10.84 8.70
N GLY B 102 -0.51 -9.62 8.16
CA GLY B 102 -1.57 -9.31 7.21
C GLY B 102 -2.74 -8.58 7.85
N THR B 103 -3.28 -7.59 7.15
CA THR B 103 -4.43 -6.87 7.64
C THR B 103 -5.64 -7.05 6.72
N LYS B 104 -6.78 -7.40 7.30
CA LYS B 104 -8.01 -7.47 6.55
C LYS B 104 -8.55 -6.08 6.45
N LEU B 105 -8.78 -5.57 5.25
CA LEU B 105 -9.43 -4.26 5.12
C LEU B 105 -10.87 -4.41 4.69
N THR B 106 -11.79 -3.91 5.51
CA THR B 106 -13.20 -3.95 5.16
C THR B 106 -13.71 -2.55 4.93
N VAL B 107 -14.44 -2.40 3.85
CA VAL B 107 -15.06 -1.16 3.44
C VAL B 107 -16.49 -1.38 3.80
N LEU B 108 -16.92 -0.63 4.81
CA LEU B 108 -18.26 -0.78 5.31
C LEU B 108 -19.28 -0.11 4.40
N GLY B 109 -20.54 -0.55 4.49
CA GLY B 109 -21.61 0.13 3.82
C GLY B 109 -22.09 -0.48 2.52
N GLN B 110 -21.62 -1.67 2.18
CA GLN B 110 -22.16 -2.27 0.97
C GLN B 110 -23.54 -2.81 1.34
N PRO B 111 -24.49 -2.77 0.40
CA PRO B 111 -25.80 -3.24 0.86
C PRO B 111 -26.00 -4.74 0.83
N LYS B 112 -26.96 -5.16 1.66
CA LYS B 112 -27.34 -6.55 1.78
C LYS B 112 -27.98 -6.99 0.49
N ALA B 113 -27.73 -8.26 0.17
CA ALA B 113 -28.29 -8.92 -0.99
C ALA B 113 -28.70 -10.28 -0.48
N ALA B 114 -29.97 -10.61 -0.65
CA ALA B 114 -30.43 -11.96 -0.35
C ALA B 114 -29.94 -12.90 -1.43
N PRO B 115 -29.65 -14.15 -1.04
CA PRO B 115 -29.19 -15.09 -2.05
C PRO B 115 -30.28 -15.54 -3.00
N SER B 116 -29.90 -15.88 -4.22
CA SER B 116 -30.77 -16.60 -5.12
C SER B 116 -30.45 -18.06 -4.96
N VAL B 117 -31.49 -18.86 -4.83
CA VAL B 117 -31.30 -20.27 -4.63
C VAL B 117 -31.80 -21.00 -5.86
N THR B 118 -31.00 -21.89 -6.42
CA THR B 118 -31.52 -22.75 -7.46
C THR B 118 -31.30 -24.21 -7.01
N LEU B 119 -32.32 -25.03 -7.17
CA LEU B 119 -32.24 -26.42 -6.70
C LEU B 119 -32.61 -27.40 -7.79
N PHE B 120 -31.72 -28.35 -8.09
CA PHE B 120 -32.01 -29.40 -9.06
C PHE B 120 -32.20 -30.76 -8.35
N PRO B 121 -33.17 -31.56 -8.82
CA PRO B 121 -33.40 -32.93 -8.35
C PRO B 121 -32.46 -33.90 -9.06
N PRO B 122 -32.42 -35.16 -8.62
CA PRO B 122 -31.62 -36.12 -9.39
C PRO B 122 -32.19 -36.30 -10.79
N SER B 123 -31.36 -36.60 -11.77
CA SER B 123 -31.84 -36.88 -13.10
C SER B 123 -32.02 -38.37 -13.20
N SER B 124 -32.74 -38.81 -14.23
CA SER B 124 -32.99 -40.24 -14.44
C SER B 124 -31.67 -40.96 -14.69
N GLU B 125 -30.75 -40.27 -15.35
CA GLU B 125 -29.43 -40.82 -15.66
C GLU B 125 -28.65 -41.15 -14.38
N GLU B 126 -28.70 -40.28 -13.36
CA GLU B 126 -28.00 -40.53 -12.10
C GLU B 126 -28.62 -41.70 -11.38
N LEU B 127 -29.96 -41.71 -11.38
CA LEU B 127 -30.71 -42.75 -10.73
C LEU B 127 -30.41 -44.15 -11.27
N GLN B 128 -30.39 -44.28 -12.60
CA GLN B 128 -30.02 -45.55 -13.21
C GLN B 128 -28.58 -45.91 -12.84
N ALA B 129 -27.82 -44.90 -12.43
CA ALA B 129 -26.43 -45.07 -12.06
C ALA B 129 -26.15 -45.07 -10.55
N ASN B 130 -27.15 -45.27 -9.68
CA ASN B 130 -26.83 -45.30 -8.24
C ASN B 130 -26.08 -44.02 -7.77
N LYS B 131 -26.61 -42.86 -8.13
CA LYS B 131 -26.00 -41.69 -7.57
C LYS B 131 -27.06 -40.87 -6.89
N ALA B 132 -27.90 -40.22 -7.67
CA ALA B 132 -28.91 -39.31 -7.17
C ALA B 132 -28.24 -38.24 -6.30
N THR B 133 -28.14 -37.03 -6.86
CA THR B 133 -27.58 -35.92 -6.15
C THR B 133 -28.55 -34.74 -6.16
N LEU B 134 -28.82 -34.18 -5.00
CA LEU B 134 -29.57 -32.93 -5.02
C LEU B 134 -28.56 -31.81 -5.03
N VAL B 135 -28.76 -30.83 -5.91
CA VAL B 135 -27.78 -29.75 -6.12
C VAL B 135 -28.34 -28.38 -5.76
N CYS B 136 -27.83 -27.77 -4.69
CA CYS B 136 -28.33 -26.45 -4.36
C CYS B 136 -27.30 -25.39 -4.64
N LEU B 137 -27.67 -24.45 -5.51
CA LEU B 137 -26.82 -23.37 -5.95
C LEU B 137 -27.21 -22.02 -5.35
N ILE B 138 -26.26 -21.38 -4.68
CA ILE B 138 -26.58 -20.15 -3.98
C ILE B 138 -25.67 -19.02 -4.45
N SER B 139 -26.27 -17.96 -4.98
CA SER B 139 -25.51 -16.90 -5.59
C SER B 139 -25.97 -15.50 -5.20
N ASP B 140 -25.15 -14.52 -5.54
CA ASP B 140 -25.47 -13.09 -5.39
C ASP B 140 -25.84 -12.64 -4.00
N PHE B 141 -25.14 -13.10 -2.97
CA PHE B 141 -25.49 -12.61 -1.64
C PHE B 141 -24.38 -11.81 -0.96
N TYR B 142 -24.81 -10.91 -0.10
CA TYR B 142 -23.90 -10.12 0.68
C TYR B 142 -24.61 -9.77 1.98
N PRO B 143 -23.90 -9.83 3.12
CA PRO B 143 -22.51 -10.31 3.15
C PRO B 143 -22.37 -11.85 3.04
N GLY B 144 -21.14 -12.34 3.03
CA GLY B 144 -20.90 -13.74 2.72
C GLY B 144 -20.99 -14.80 3.80
N ALA B 145 -21.96 -14.73 4.67
CA ALA B 145 -22.12 -15.83 5.62
C ALA B 145 -23.48 -16.40 5.42
N VAL B 146 -23.53 -17.72 5.49
CA VAL B 146 -24.77 -18.39 5.28
C VAL B 146 -24.79 -19.75 5.96
N THR B 147 -25.99 -20.21 6.30
CA THR B 147 -26.20 -21.55 6.83
C THR B 147 -27.10 -22.29 5.87
N VAL B 148 -26.73 -23.52 5.55
CA VAL B 148 -27.53 -24.31 4.64
C VAL B 148 -28.01 -25.53 5.38
N ALA B 149 -29.32 -25.75 5.30
CA ALA B 149 -29.91 -26.90 5.95
C ALA B 149 -30.78 -27.69 4.98
N TRP B 150 -30.61 -29.00 5.03
CA TRP B 150 -31.41 -29.87 4.20
C TRP B 150 -32.56 -30.52 5.02
N LYS B 151 -33.69 -30.73 4.36
CA LYS B 151 -34.87 -31.30 4.97
C LYS B 151 -35.42 -32.38 4.07
N ALA B 152 -36.01 -33.38 4.67
CA ALA B 152 -36.70 -34.42 3.93
C ALA B 152 -38.05 -34.53 4.61
N ASP B 153 -39.08 -34.00 3.97
CA ASP B 153 -40.42 -34.05 4.50
C ASP B 153 -40.42 -33.28 5.82
N SER B 154 -39.93 -32.05 5.82
CA SER B 154 -39.94 -31.24 7.05
C SER B 154 -38.99 -31.77 8.17
N SER B 155 -38.36 -32.93 7.93
CA SER B 155 -37.42 -33.49 8.89
C SER B 155 -35.96 -33.14 8.47
N PRO B 156 -35.13 -32.65 9.39
CA PRO B 156 -33.71 -32.36 9.09
C PRO B 156 -32.89 -33.56 8.63
N VAL B 157 -31.98 -33.32 7.70
CA VAL B 157 -31.06 -34.32 7.19
C VAL B 157 -29.67 -33.75 7.39
N LYS B 158 -28.77 -34.55 7.94
CA LYS B 158 -27.42 -34.07 8.05
C LYS B 158 -26.45 -35.00 7.35
N ALA B 159 -26.87 -36.25 7.17
CA ALA B 159 -26.03 -37.23 6.46
C ALA B 159 -25.98 -36.97 4.94
N GLY B 160 -24.78 -37.05 4.37
CA GLY B 160 -24.67 -36.92 2.92
C GLY B 160 -24.68 -35.49 2.42
N VAL B 161 -24.57 -34.53 3.34
CA VAL B 161 -24.57 -33.13 2.98
C VAL B 161 -23.12 -32.66 2.78
N GLU B 162 -22.82 -32.10 1.60
CA GLU B 162 -21.53 -31.47 1.38
C GLU B 162 -21.78 -30.01 0.94
N THR B 163 -21.21 -29.05 1.68
CA THR B 163 -21.41 -27.61 1.44
C THR B 163 -20.06 -26.89 1.32
N THR B 164 -19.94 -26.00 0.34
CA THR B 164 -18.76 -25.14 0.22
C THR B 164 -18.76 -23.93 1.14
N THR B 165 -17.59 -23.40 1.46
CA THR B 165 -17.55 -22.11 2.13
C THR B 165 -17.72 -21.04 1.05
N PRO B 166 -18.42 -19.95 1.38
CA PRO B 166 -18.73 -18.89 0.40
C PRO B 166 -17.48 -18.24 -0.21
N SER B 167 -17.60 -17.84 -1.48
CA SER B 167 -16.51 -17.24 -2.22
C SER B 167 -17.01 -16.02 -2.95
N LYS B 168 -16.17 -15.02 -3.13
CA LYS B 168 -16.61 -13.82 -3.81
C LYS B 168 -16.79 -14.11 -5.28
N GLN B 169 -17.85 -13.56 -5.85
CA GLN B 169 -18.09 -13.65 -7.27
C GLN B 169 -17.39 -12.45 -7.91
N SER B 170 -17.43 -12.42 -9.24
CA SER B 170 -16.84 -11.31 -9.95
C SER B 170 -17.64 -10.06 -9.58
N ASN B 171 -18.96 -10.12 -9.47
CA ASN B 171 -19.73 -8.92 -9.11
C ASN B 171 -19.55 -8.47 -7.63
N ASN B 172 -18.54 -9.03 -6.97
CA ASN B 172 -18.18 -8.73 -5.57
C ASN B 172 -19.19 -9.16 -4.49
N LYS B 173 -20.17 -9.98 -4.90
CA LYS B 173 -21.06 -10.68 -3.99
C LYS B 173 -20.57 -12.12 -3.84
N TYR B 174 -21.28 -12.93 -3.06
CA TYR B 174 -20.84 -14.30 -2.83
C TYR B 174 -21.66 -15.43 -3.43
N ALA B 175 -21.00 -16.58 -3.53
CA ALA B 175 -21.63 -17.81 -3.99
C ALA B 175 -21.27 -18.97 -3.05
N ALA B 176 -22.10 -20.01 -3.05
CA ALA B 176 -21.79 -21.27 -2.39
C ALA B 176 -22.71 -22.32 -2.94
N SER B 177 -22.38 -23.59 -2.70
CA SER B 177 -23.22 -24.64 -3.23
C SER B 177 -23.28 -25.75 -2.20
N SER B 178 -24.40 -26.46 -2.19
CA SER B 178 -24.59 -27.62 -1.31
C SER B 178 -25.10 -28.80 -2.17
N TYR B 179 -24.53 -29.97 -1.89
CA TYR B 179 -24.94 -31.19 -2.56
C TYR B 179 -25.52 -32.14 -1.53
N LEU B 180 -26.70 -32.69 -1.79
CA LEU B 180 -27.12 -33.79 -0.93
C LEU B 180 -27.04 -35.11 -1.70
N SER B 181 -26.65 -36.16 -1.02
CA SER B 181 -26.55 -37.47 -1.63
C SER B 181 -27.51 -38.42 -1.00
N LEU B 182 -28.16 -39.18 -1.84
CA LEU B 182 -29.07 -40.18 -1.36
C LEU B 182 -29.22 -41.31 -2.35
N THR B 183 -29.73 -42.43 -1.86
CA THR B 183 -29.96 -43.57 -2.71
C THR B 183 -31.23 -43.32 -3.50
N PRO B 184 -31.37 -44.00 -4.64
CA PRO B 184 -32.68 -43.88 -5.33
C PRO B 184 -33.91 -44.19 -4.45
N GLU B 185 -33.84 -45.16 -3.54
CA GLU B 185 -34.99 -45.47 -2.66
C GLU B 185 -35.26 -44.36 -1.67
N GLN B 186 -34.20 -43.80 -1.11
CA GLN B 186 -34.34 -42.65 -0.24
C GLN B 186 -35.02 -41.50 -0.97
N TRP B 187 -34.62 -41.25 -2.22
CA TRP B 187 -35.20 -40.17 -3.01
C TRP B 187 -36.69 -40.42 -3.30
N LYS B 188 -37.02 -41.66 -3.62
CA LYS B 188 -38.37 -42.04 -4.02
C LYS B 188 -39.31 -42.20 -2.84
N SER B 189 -38.74 -42.28 -1.64
CA SER B 189 -39.51 -42.53 -0.43
C SER B 189 -40.14 -41.33 0.24
N HIS B 190 -39.73 -40.13 -0.12
CA HIS B 190 -40.30 -38.95 0.50
C HIS B 190 -41.20 -38.10 -0.44
N ARG B 191 -42.03 -37.22 0.11
CA ARG B 191 -42.86 -36.35 -0.73
C ARG B 191 -41.90 -35.32 -1.36
N SER B 192 -40.94 -34.87 -0.55
CA SER B 192 -40.03 -33.80 -0.96
C SER B 192 -38.74 -33.74 -0.11
N TYR B 193 -37.73 -33.10 -0.67
CA TYR B 193 -36.52 -32.62 0.03
C TYR B 193 -36.36 -31.12 -0.12
N SER B 194 -35.68 -30.48 0.81
CA SER B 194 -35.59 -29.04 0.78
C SER B 194 -34.21 -28.50 1.05
N CYS B 195 -33.83 -27.49 0.28
CA CYS B 195 -32.59 -26.79 0.54
C CYS B 195 -32.96 -25.46 1.14
N GLN B 196 -32.58 -25.31 2.39
CA GLN B 196 -33.00 -24.17 3.16
C GLN B 196 -31.78 -23.33 3.49
N VAL B 197 -31.82 -22.07 3.03
CA VAL B 197 -30.68 -21.17 3.10
C VAL B 197 -31.01 -19.97 3.97
N THR B 198 -30.24 -19.75 5.04
CA THR B 198 -30.50 -18.60 5.91
C THR B 198 -29.29 -17.66 5.81
N HIS B 199 -29.63 -16.38 5.69
CA HIS B 199 -28.74 -15.24 5.45
C HIS B 199 -29.23 -13.98 6.15
N GLU B 200 -28.45 -13.48 7.10
CA GLU B 200 -28.78 -12.27 7.86
C GLU B 200 -30.16 -12.35 8.57
N GLY B 201 -30.46 -13.51 9.14
CA GLY B 201 -31.68 -13.68 9.90
C GLY B 201 -32.88 -14.05 9.07
N SER B 202 -32.72 -14.04 7.75
CA SER B 202 -33.78 -14.44 6.83
C SER B 202 -33.48 -15.74 6.14
N THR B 203 -34.53 -16.49 5.90
CA THR B 203 -34.42 -17.80 5.33
C THR B 203 -35.09 -17.87 3.98
N VAL B 204 -34.39 -18.41 3.00
CA VAL B 204 -34.95 -18.62 1.67
C VAL B 204 -34.89 -20.12 1.46
N GLU B 205 -36.02 -20.71 1.09
CA GLU B 205 -36.10 -22.14 0.83
C GLU B 205 -36.55 -22.45 -0.57
N LYS B 206 -35.97 -23.51 -1.12
CA LYS B 206 -36.36 -24.13 -2.39
C LYS B 206 -36.62 -25.61 -2.16
N THR B 207 -37.61 -26.16 -2.87
CA THR B 207 -37.98 -27.53 -2.62
C THR B 207 -38.19 -28.27 -3.91
N VAL B 208 -37.85 -29.56 -3.92
CA VAL B 208 -37.98 -30.43 -5.08
C VAL B 208 -38.60 -31.80 -4.71
N ALA B 209 -39.33 -32.40 -5.66
CA ALA B 209 -40.07 -33.65 -5.45
C ALA B 209 -39.96 -34.67 -6.59
N PRO B 210 -40.01 -35.96 -6.25
CA PRO B 210 -40.02 -37.06 -7.23
C PRO B 210 -41.39 -37.22 -7.89
N GLN C 1 25.01 36.32 -2.91
CA GLN C 1 23.71 35.76 -2.57
C GLN C 1 22.88 35.20 -3.70
N VAL C 2 23.37 34.12 -4.29
CA VAL C 2 22.62 33.46 -5.33
C VAL C 2 21.32 32.84 -4.75
N GLN C 3 20.20 33.06 -5.44
CA GLN C 3 18.90 32.67 -4.90
C GLN C 3 17.90 32.40 -5.99
N LEU C 4 17.03 31.42 -5.74
CA LEU C 4 15.91 31.12 -6.63
C LEU C 4 14.69 31.15 -5.76
N VAL C 5 13.76 32.05 -6.05
CA VAL C 5 12.57 32.17 -5.21
C VAL C 5 11.32 31.81 -6.03
N GLN C 6 10.63 30.75 -5.61
CA GLN C 6 9.49 30.29 -6.39
C GLN C 6 8.15 30.82 -5.85
N SER C 7 7.16 30.87 -6.73
CA SER C 7 5.79 31.30 -6.34
C SER C 7 5.12 30.36 -5.32
N GLY C 8 4.04 30.85 -4.73
CA GLY C 8 3.35 30.17 -3.64
C GLY C 8 2.53 28.96 -4.02
N ALA C 9 2.21 28.15 -3.00
CA ALA C 9 1.42 26.91 -3.11
C ALA C 9 0.09 27.12 -3.83
N GLU C 10 -0.28 26.16 -4.68
CA GLU C 10 -1.52 26.27 -5.43
C GLU C 10 -2.35 25.01 -5.31
N VAL C 11 -3.66 25.14 -5.48
CA VAL C 11 -4.57 23.99 -5.51
C VAL C 11 -5.42 24.04 -6.78
N LYS C 12 -5.60 22.90 -7.45
CA LYS C 12 -6.34 22.91 -8.72
C LYS C 12 -7.25 21.68 -8.86
N LYS C 13 -8.36 21.81 -9.58
CA LYS C 13 -9.22 20.66 -9.84
C LYS C 13 -8.53 19.86 -10.92
N PRO C 14 -8.71 18.53 -10.94
CA PRO C 14 -8.24 17.75 -12.09
C PRO C 14 -8.72 18.38 -13.40
N GLY C 15 -7.87 18.32 -14.43
CA GLY C 15 -8.15 18.90 -15.73
C GLY C 15 -7.81 20.37 -15.89
N ALA C 16 -7.58 21.07 -14.77
CA ALA C 16 -7.15 22.46 -14.87
C ALA C 16 -5.67 22.55 -15.19
N SER C 17 -5.17 23.77 -15.23
CA SER C 17 -3.80 24.00 -15.57
C SER C 17 -3.17 24.89 -14.52
N VAL C 18 -1.87 24.78 -14.33
CA VAL C 18 -1.22 25.67 -13.38
C VAL C 18 0.09 26.27 -13.95
N LYS C 19 0.49 27.45 -13.47
CA LYS C 19 1.76 28.10 -13.85
C LYS C 19 2.60 28.52 -12.68
N VAL C 20 3.80 27.98 -12.59
CA VAL C 20 4.68 28.29 -11.48
C VAL C 20 5.85 29.16 -11.96
N SER C 21 6.33 30.08 -11.11
CA SER C 21 7.38 30.99 -11.53
C SER C 21 8.56 30.77 -10.66
N CYS C 22 9.73 31.08 -11.20
CA CYS C 22 11.02 30.89 -10.54
C CYS C 22 11.88 32.15 -10.74
N LYS C 23 12.02 32.93 -9.68
CA LYS C 23 12.71 34.20 -9.74
C LYS C 23 14.17 34.10 -9.28
N ALA C 24 15.09 34.37 -10.21
CA ALA C 24 16.53 34.32 -9.93
C ALA C 24 17.18 35.65 -9.59
N SER C 25 18.06 35.65 -8.61
CA SER C 25 18.83 36.84 -8.32
C SER C 25 20.21 36.46 -7.80
N GLY C 26 21.20 37.33 -8.04
CA GLY C 26 22.54 37.18 -7.49
C GLY C 26 23.51 36.55 -8.47
N TYR C 27 23.05 36.41 -9.70
CA TYR C 27 23.88 35.91 -10.77
C TYR C 27 23.20 36.24 -12.08
N THR C 28 23.91 36.01 -13.19
CA THR C 28 23.44 36.32 -14.54
C THR C 28 22.52 35.23 -15.06
N PHE C 29 21.22 35.48 -14.94
CA PHE C 29 20.17 34.54 -15.28
C PHE C 29 20.31 33.86 -16.66
N THR C 30 21.00 34.50 -17.62
CA THR C 30 21.08 33.92 -18.97
C THR C 30 22.38 33.13 -19.11
N GLY C 31 23.12 32.99 -18.02
CA GLY C 31 24.37 32.28 -18.01
C GLY C 31 24.21 30.80 -17.68
N TYR C 32 23.12 30.41 -17.05
CA TYR C 32 22.92 28.99 -16.69
C TYR C 32 21.61 28.40 -17.21
N TYR C 33 21.65 27.15 -17.64
CA TYR C 33 20.43 26.42 -17.93
C TYR C 33 19.56 26.34 -16.67
N MET C 34 18.26 26.44 -16.86
CA MET C 34 17.36 26.26 -15.75
C MET C 34 16.61 24.93 -15.89
N HIS C 35 16.68 24.13 -14.84
CA HIS C 35 15.93 22.86 -14.68
C HIS C 35 14.76 22.85 -13.76
N TRP C 36 13.84 21.93 -14.03
CA TRP C 36 12.70 21.75 -13.13
C TRP C 36 12.67 20.29 -12.70
N VAL C 37 12.41 20.06 -11.41
CA VAL C 37 12.32 18.71 -10.88
C VAL C 37 11.18 18.62 -9.87
N ARG C 38 10.23 17.73 -10.13
CA ARG C 38 9.09 17.56 -9.25
C ARG C 38 9.28 16.37 -8.32
N GLN C 39 8.65 16.44 -7.15
CA GLN C 39 8.73 15.36 -6.18
C GLN C 39 7.38 15.08 -5.55
N ALA C 40 6.65 14.13 -6.12
CA ALA C 40 5.35 13.70 -5.56
C ALA C 40 5.60 13.12 -4.18
N PRO C 41 4.64 13.30 -3.27
CA PRO C 41 4.81 12.90 -1.87
C PRO C 41 5.36 11.48 -1.70
N GLY C 42 6.46 11.34 -0.96
CA GLY C 42 7.01 10.04 -0.74
C GLY C 42 7.75 9.45 -1.92
N GLN C 43 7.81 10.17 -3.02
CA GLN C 43 8.48 9.65 -4.20
C GLN C 43 9.86 10.33 -4.31
N GLY C 44 10.67 9.84 -5.24
CA GLY C 44 12.01 10.38 -5.43
C GLY C 44 12.00 11.62 -6.31
N LEU C 45 13.18 12.17 -6.54
CA LEU C 45 13.33 13.33 -7.41
C LEU C 45 13.11 12.89 -8.84
N GLU C 46 12.33 13.65 -9.56
CA GLU C 46 12.03 13.31 -10.92
C GLU C 46 12.31 14.47 -11.85
N TRP C 47 13.31 14.28 -12.69
CA TRP C 47 13.76 15.35 -13.62
C TRP C 47 12.71 15.62 -14.70
N MET C 48 12.34 16.88 -14.90
CA MET C 48 11.28 17.21 -15.87
C MET C 48 11.78 17.75 -17.20
N GLY C 49 12.80 18.62 -17.15
CA GLY C 49 13.25 19.29 -18.34
C GLY C 49 14.08 20.49 -18.01
N TRP C 50 14.79 20.98 -19.05
CA TRP C 50 15.54 22.21 -18.93
C TRP C 50 15.13 23.28 -19.95
N ILE C 51 15.35 24.52 -19.58
CA ILE C 51 15.22 25.62 -20.52
C ILE C 51 16.53 26.38 -20.59
N ASN C 52 16.88 26.81 -21.79
CA ASN C 52 17.99 27.70 -22.02
C ASN C 52 17.47 29.13 -21.96
N PRO C 53 17.80 29.85 -20.90
CA PRO C 53 17.24 31.18 -20.64
C PRO C 53 17.68 32.17 -21.73
N ASN C 54 18.80 31.90 -22.36
CA ASN C 54 19.30 32.79 -23.39
C ASN C 54 18.56 32.64 -24.72
N SER C 55 18.42 31.41 -25.19
CA SER C 55 17.79 31.13 -26.47
C SER C 55 16.31 30.77 -26.35
N GLY C 56 15.93 30.21 -25.19
CA GLY C 56 14.55 29.83 -25.00
C GLY C 56 14.36 28.35 -25.35
N GLY C 57 15.39 27.73 -25.90
CA GLY C 57 15.32 26.29 -26.18
C GLY C 57 15.00 25.41 -24.96
N THR C 58 14.21 24.38 -25.22
CA THR C 58 13.74 23.51 -24.15
C THR C 58 14.01 22.06 -24.49
N ASN C 59 14.11 21.28 -23.43
CA ASN C 59 14.23 19.86 -23.57
C ASN C 59 13.48 19.15 -22.48
N TYR C 60 12.64 18.20 -22.86
CA TYR C 60 11.68 17.61 -21.91
C TYR C 60 11.93 16.11 -21.74
N ALA C 61 11.84 15.64 -20.49
CA ALA C 61 11.83 14.20 -20.24
C ALA C 61 10.58 13.68 -20.94
N GLN C 62 10.61 12.44 -21.41
CA GLN C 62 9.51 11.87 -22.20
C GLN C 62 8.17 11.94 -21.43
N LYS C 63 8.25 11.70 -20.13
CA LYS C 63 7.09 11.75 -19.26
C LYS C 63 6.40 13.11 -19.22
N PHE C 64 7.13 14.19 -19.48
CA PHE C 64 6.56 15.49 -19.25
C PHE C 64 6.33 16.25 -20.55
N GLN C 65 6.96 15.81 -21.63
CA GLN C 65 6.79 16.39 -22.96
C GLN C 65 5.33 16.42 -23.37
N GLY C 66 4.86 17.59 -23.80
CA GLY C 66 3.53 17.62 -24.38
C GLY C 66 2.52 18.35 -23.52
N TRP C 67 2.46 18.10 -22.23
CA TRP C 67 1.50 18.78 -21.33
C TRP C 67 2.23 19.76 -20.35
N VAL C 68 3.55 19.84 -20.51
CA VAL C 68 4.43 20.82 -19.81
C VAL C 68 5.11 21.84 -20.74
N THR C 69 5.13 23.10 -20.31
CA THR C 69 5.67 24.13 -21.14
C THR C 69 6.59 24.97 -20.28
N MET C 70 7.87 25.01 -20.65
CA MET C 70 8.84 25.85 -19.96
C MET C 70 9.13 27.10 -20.78
N THR C 71 9.03 28.25 -20.12
CA THR C 71 9.30 29.53 -20.76
C THR C 71 10.12 30.40 -19.81
N ARG C 72 10.42 31.63 -20.24
CA ARG C 72 11.20 32.54 -19.41
C ARG C 72 11.04 34.00 -19.81
N ASP C 73 11.26 34.89 -18.85
CA ASP C 73 11.26 36.32 -19.10
C ASP C 73 12.59 36.88 -18.61
N THR C 74 13.53 37.08 -19.54
CA THR C 74 14.86 37.50 -19.18
C THR C 74 14.88 38.86 -18.48
N SER C 75 14.05 39.81 -18.89
CA SER C 75 13.91 41.15 -18.24
C SER C 75 13.88 41.05 -16.73
N ILE C 76 13.15 40.07 -16.21
CA ILE C 76 12.94 40.01 -14.79
C ILE C 76 13.54 38.74 -14.16
N SER C 77 14.42 38.07 -14.91
CA SER C 77 15.15 36.88 -14.47
C SER C 77 14.27 35.79 -13.91
N THR C 78 13.16 35.51 -14.57
CA THR C 78 12.15 34.59 -14.09
C THR C 78 11.90 33.46 -15.06
N ALA C 79 12.00 32.23 -14.57
CA ALA C 79 11.60 31.06 -15.34
C ALA C 79 10.18 30.60 -14.96
N TYR C 80 9.44 30.09 -15.94
CA TYR C 80 8.05 29.66 -15.71
C TYR C 80 7.86 28.22 -16.17
N MET C 81 7.05 27.49 -15.41
CA MET C 81 6.64 26.17 -15.84
C MET C 81 5.11 26.05 -15.81
N GLU C 82 4.54 25.63 -16.94
CA GLU C 82 3.10 25.46 -17.05
C GLU C 82 2.76 23.98 -17.16
N LEU C 83 1.85 23.49 -16.33
CA LEU C 83 1.36 22.10 -16.41
C LEU C 83 -0.09 22.14 -16.87
N SER C 84 -0.42 21.43 -17.94
CA SER C 84 -1.79 21.46 -18.43
C SER C 84 -2.49 20.13 -18.14
N ARG C 85 -3.81 20.17 -18.08
CA ARG C 85 -4.63 18.97 -17.80
C ARG C 85 -4.16 18.11 -16.64
N LEU C 86 -4.09 18.75 -15.49
CA LEU C 86 -3.58 18.18 -14.27
C LEU C 86 -4.25 16.87 -13.82
N ARG C 87 -3.47 15.98 -13.25
CA ARG C 87 -3.99 14.75 -12.67
C ARG C 87 -3.59 14.68 -11.23
N SER C 88 -4.43 14.00 -10.46
CA SER C 88 -4.20 13.71 -9.05
C SER C 88 -2.74 13.29 -8.87
N ASP C 89 -2.20 12.51 -9.81
CA ASP C 89 -0.77 12.16 -9.86
C ASP C 89 0.20 13.31 -9.98
N ASP C 90 -0.30 14.46 -10.36
CA ASP C 90 0.55 15.62 -10.54
C ASP C 90 0.76 16.37 -9.23
N THR C 91 0.07 15.92 -8.17
CA THR C 91 0.28 16.50 -6.83
C THR C 91 1.70 16.34 -6.38
N ALA C 92 2.40 17.45 -6.17
CA ALA C 92 3.84 17.32 -5.90
C ALA C 92 4.42 18.62 -5.47
N VAL C 93 5.66 18.57 -5.06
CA VAL C 93 6.43 19.77 -4.93
C VAL C 93 7.21 19.90 -6.23
N TYR C 94 7.15 21.08 -6.82
CA TYR C 94 7.87 21.35 -8.06
C TYR C 94 9.04 22.29 -7.75
N TYR C 95 10.24 21.87 -8.13
CA TYR C 95 11.46 22.66 -7.88
C TYR C 95 12.07 23.20 -9.13
N CYS C 96 12.50 24.45 -9.07
CA CYS C 96 13.40 24.91 -10.12
C CYS C 96 14.81 24.82 -9.54
N ALA C 97 15.77 24.52 -10.42
CA ALA C 97 17.17 24.39 -10.02
C ALA C 97 18.09 24.92 -11.09
N ARG C 98 19.15 25.60 -10.67
CA ARG C 98 20.13 26.13 -11.60
C ARG C 98 21.12 25.03 -11.94
N GLY C 99 21.43 24.83 -13.20
CA GLY C 99 22.44 23.85 -13.45
C GLY C 99 22.94 23.77 -14.85
N GLY C 100 24.21 24.06 -15.01
CA GLY C 100 24.83 23.86 -16.31
C GLY C 100 25.06 25.22 -16.93
N LEU C 101 26.29 25.43 -17.40
CA LEU C 101 26.71 26.72 -17.95
C LEU C 101 26.50 26.88 -19.45
N GLU C 102 25.97 28.05 -19.77
CA GLU C 102 25.59 28.46 -21.10
C GLU C 102 26.67 29.43 -21.57
N PRO C 103 27.09 29.30 -22.82
CA PRO C 103 26.58 28.37 -23.83
C PRO C 103 27.36 27.08 -23.89
N ARG C 104 26.67 25.98 -24.16
CA ARG C 104 27.33 24.71 -24.39
C ARG C 104 28.26 24.84 -25.60
N SER C 105 29.34 24.07 -25.63
CA SER C 105 30.16 24.00 -26.84
C SER C 105 30.15 22.56 -27.39
N VAL C 106 31.28 22.09 -27.88
CA VAL C 106 31.36 20.70 -28.31
C VAL C 106 31.31 19.78 -27.09
N ASP C 107 31.47 20.38 -25.89
CA ASP C 107 31.42 19.69 -24.61
C ASP C 107 30.30 20.20 -23.70
N TYR C 108 29.86 19.36 -22.77
CA TYR C 108 28.81 19.77 -21.84
C TYR C 108 29.42 20.34 -20.58
N TYR C 109 28.85 21.41 -20.08
CA TYR C 109 29.35 22.07 -18.88
C TYR C 109 28.35 21.89 -17.71
N TYR C 110 28.06 20.63 -17.34
CA TYR C 110 27.10 20.37 -16.29
C TYR C 110 27.82 19.94 -15.02
N TYR C 111 27.68 20.69 -13.94
CA TYR C 111 28.36 20.30 -12.71
C TYR C 111 27.36 19.98 -11.61
N GLY C 112 26.19 19.54 -12.01
CA GLY C 112 25.11 19.29 -11.07
C GLY C 112 24.27 20.54 -10.83
N MET C 113 23.23 20.39 -10.02
CA MET C 113 22.33 21.50 -9.69
C MET C 113 22.72 22.12 -8.36
N ASP C 114 23.47 23.20 -8.38
CA ASP C 114 23.98 23.80 -7.15
C ASP C 114 23.03 24.74 -6.39
N VAL C 115 22.11 25.38 -7.10
CA VAL C 115 21.17 26.26 -6.44
C VAL C 115 19.75 25.79 -6.70
N TRP C 116 18.96 25.69 -5.63
CA TRP C 116 17.59 25.18 -5.70
C TRP C 116 16.59 26.19 -5.19
N GLY C 117 15.42 26.28 -5.82
CA GLY C 117 14.32 27.05 -5.28
C GLY C 117 13.75 26.36 -4.05
N GLN C 118 12.78 26.97 -3.36
CA GLN C 118 12.27 26.36 -2.13
C GLN C 118 11.16 25.33 -2.41
N GLY C 119 10.70 25.26 -3.67
CA GLY C 119 9.68 24.34 -4.06
C GLY C 119 8.30 24.94 -3.99
N THR C 120 7.47 24.62 -4.97
CA THR C 120 6.10 25.08 -4.97
C THR C 120 5.26 23.83 -4.87
N THR C 121 4.39 23.76 -3.87
CA THR C 121 3.46 22.65 -3.74
C THR C 121 2.22 22.82 -4.57
N VAL C 122 1.97 21.84 -5.42
CA VAL C 122 0.77 21.87 -6.23
C VAL C 122 -0.11 20.69 -5.87
N THR C 123 -1.31 20.95 -5.39
CA THR C 123 -2.18 19.85 -5.05
C THR C 123 -3.32 19.83 -6.05
N VAL C 124 -3.57 18.65 -6.59
CA VAL C 124 -4.65 18.44 -7.53
C VAL C 124 -5.77 17.61 -6.88
N SER C 125 -6.96 18.15 -6.71
CA SER C 125 -8.04 17.36 -6.12
C SER C 125 -9.38 18.00 -6.43
N SER C 126 -10.42 17.20 -6.36
CA SER C 126 -11.77 17.69 -6.60
C SER C 126 -12.42 18.10 -5.28
N ALA C 127 -11.77 17.72 -4.18
CA ALA C 127 -12.13 18.07 -2.78
C ALA C 127 -12.07 19.57 -2.61
N SER C 128 -12.80 20.14 -1.67
CA SER C 128 -12.77 21.59 -1.65
C SER C 128 -11.75 22.19 -0.73
N THR C 129 -11.18 23.30 -1.21
CA THR C 129 -10.22 24.10 -0.48
C THR C 129 -10.84 24.65 0.79
N LYS C 130 -10.15 24.51 1.91
CA LYS C 130 -10.72 24.97 3.16
C LYS C 130 -9.66 25.57 4.07
N GLY C 131 -9.84 26.86 4.38
CA GLY C 131 -8.93 27.56 5.27
C GLY C 131 -9.08 27.09 6.71
N PRO C 132 -8.01 27.16 7.49
CA PRO C 132 -8.04 26.66 8.88
C PRO C 132 -8.68 27.69 9.82
N SER C 133 -9.28 27.20 10.89
CA SER C 133 -9.69 28.02 12.02
C SER C 133 -8.55 27.92 12.99
N VAL C 134 -8.11 29.03 13.54
CA VAL C 134 -6.95 29.02 14.43
C VAL C 134 -7.35 29.34 15.88
N PHE C 135 -6.94 28.49 16.81
CA PHE C 135 -7.32 28.63 18.21
C PHE C 135 -6.14 28.63 19.16
N PRO C 136 -6.15 29.51 20.17
CA PRO C 136 -5.01 29.63 21.07
C PRO C 136 -4.99 28.53 22.10
N LEU C 137 -3.81 27.98 22.35
CA LEU C 137 -3.63 26.95 23.35
C LEU C 137 -2.96 27.68 24.50
N ALA C 138 -3.78 28.26 25.37
CA ALA C 138 -3.25 29.04 26.48
C ALA C 138 -2.41 28.23 27.44
N PRO C 139 -1.41 28.86 28.06
CA PRO C 139 -0.57 28.07 28.97
C PRO C 139 -1.21 27.94 30.35
N SER C 140 -0.93 26.83 31.02
CA SER C 140 -1.50 26.49 32.32
C SER C 140 -0.93 27.31 33.50
N GLY C 146 6.24 29.13 38.07
CA GLY C 146 7.68 28.96 37.88
C GLY C 146 8.07 27.90 36.86
N GLY C 147 9.36 27.87 36.46
CA GLY C 147 9.87 26.92 35.48
C GLY C 147 9.72 27.38 34.04
N THR C 148 9.22 26.48 33.19
CA THR C 148 8.93 26.82 31.80
C THR C 148 7.43 26.67 31.60
N ALA C 149 6.93 27.23 30.51
CA ALA C 149 5.53 27.10 30.16
C ALA C 149 5.40 26.70 28.70
N ALA C 150 4.25 26.14 28.33
CA ALA C 150 4.04 25.68 26.98
C ALA C 150 2.89 26.43 26.37
N LEU C 151 3.15 27.29 25.40
CA LEU C 151 2.09 28.04 24.75
C LEU C 151 1.94 27.46 23.38
N GLY C 152 0.74 27.52 22.82
CA GLY C 152 0.50 26.91 21.53
C GLY C 152 -0.57 27.54 20.66
N CYS C 153 -0.67 27.02 19.44
CA CYS C 153 -1.66 27.49 18.47
C CYS C 153 -2.29 26.29 17.77
N LEU C 154 -3.61 26.21 17.81
CA LEU C 154 -4.32 25.09 17.18
C LEU C 154 -4.79 25.47 15.77
N VAL C 155 -4.19 24.84 14.76
CA VAL C 155 -4.54 25.09 13.39
C VAL C 155 -5.46 23.99 12.89
N LYS C 156 -6.75 24.30 12.83
CA LYS C 156 -7.77 23.28 12.72
C LYS C 156 -8.52 23.22 11.39
N ASP C 157 -8.77 22.00 10.92
CA ASP C 157 -9.66 21.73 9.79
C ASP C 157 -9.34 22.48 8.53
N TYR C 158 -8.30 22.06 7.85
CA TYR C 158 -7.94 22.72 6.62
C TYR C 158 -7.61 21.70 5.54
N PHE C 159 -7.72 22.15 4.29
CA PHE C 159 -7.37 21.34 3.13
C PHE C 159 -6.97 22.22 1.94
N PRO C 160 -5.82 21.91 1.29
CA PRO C 160 -4.93 20.77 1.57
C PRO C 160 -3.76 21.23 2.41
N GLU C 161 -2.73 20.39 2.49
CA GLU C 161 -1.45 20.80 3.02
C GLU C 161 -0.78 21.71 1.98
N PRO C 162 0.16 22.58 2.42
CA PRO C 162 0.58 22.76 3.81
C PRO C 162 0.15 24.07 4.38
N VAL C 163 0.39 24.25 5.68
CA VAL C 163 0.28 25.56 6.32
C VAL C 163 1.64 25.86 6.85
N THR C 164 1.95 27.14 7.01
CA THR C 164 3.18 27.57 7.66
C THR C 164 2.80 28.36 8.90
N VAL C 165 3.47 28.03 10.00
CA VAL C 165 3.24 28.69 11.27
C VAL C 165 4.54 29.34 11.68
N SER C 166 4.50 30.64 11.95
CA SER C 166 5.63 31.25 12.60
C SER C 166 5.11 31.89 13.89
N TRP C 167 6.05 32.22 14.76
CA TRP C 167 5.74 32.89 15.97
C TRP C 167 6.36 34.31 15.97
N ASN C 168 5.55 35.29 16.37
CA ASN C 168 5.96 36.69 16.41
C ASN C 168 6.63 37.21 15.13
N SER C 169 5.97 36.98 13.99
CA SER C 169 6.45 37.41 12.68
C SER C 169 7.88 36.97 12.32
N GLY C 170 8.33 35.86 12.89
CA GLY C 170 9.64 35.29 12.58
C GLY C 170 10.66 35.53 13.68
N ALA C 171 10.32 36.41 14.62
CA ALA C 171 11.24 36.83 15.70
C ALA C 171 11.49 35.75 16.74
N LEU C 172 10.56 34.80 16.83
CA LEU C 172 10.67 33.71 17.78
C LEU C 172 10.89 32.38 17.09
N THR C 173 12.07 31.78 17.31
CA THR C 173 12.40 30.54 16.65
C THR C 173 12.94 29.48 17.60
N SER C 174 13.44 29.89 18.75
CA SER C 174 13.93 28.92 19.72
C SER C 174 12.84 28.48 20.68
N GLY C 175 12.70 27.17 20.78
CA GLY C 175 11.70 26.53 21.62
C GLY C 175 10.40 26.33 20.89
N VAL C 176 10.42 26.57 19.58
CA VAL C 176 9.21 26.40 18.78
C VAL C 176 9.18 25.01 18.26
N HIS C 177 8.13 24.28 18.60
CA HIS C 177 7.87 22.98 18.03
C HIS C 177 6.51 22.94 17.32
N THR C 178 6.57 22.76 16.00
CA THR C 178 5.40 22.62 15.15
C THR C 178 5.23 21.16 14.73
N PHE C 179 4.12 20.57 15.15
CA PHE C 179 3.87 19.15 14.98
C PHE C 179 3.35 18.85 13.59
N PRO C 180 3.65 17.65 13.07
CA PRO C 180 3.09 17.22 11.78
C PRO C 180 1.57 17.17 11.82
N ALA C 181 0.92 17.53 10.72
CA ALA C 181 -0.52 17.61 10.72
C ALA C 181 -1.04 16.21 10.84
N VAL C 182 -2.20 16.06 11.50
CA VAL C 182 -2.95 14.82 11.49
C VAL C 182 -4.07 14.91 10.42
N LEU C 183 -4.20 13.85 9.64
CA LEU C 183 -5.27 13.75 8.65
C LEU C 183 -6.51 13.12 9.29
N GLN C 184 -7.47 13.95 9.67
CA GLN C 184 -8.67 13.40 10.29
C GLN C 184 -9.49 12.53 9.33
N SER C 185 -10.51 11.87 9.87
CA SER C 185 -11.40 11.07 9.05
C SER C 185 -12.25 11.89 8.09
N SER C 186 -12.68 13.06 8.58
CA SER C 186 -13.53 14.00 7.83
C SER C 186 -12.93 14.41 6.49
N GLY C 187 -11.64 14.17 6.30
CA GLY C 187 -10.91 14.67 5.15
C GLY C 187 -9.99 15.85 5.39
N LEU C 188 -10.25 16.65 6.42
CA LEU C 188 -9.39 17.82 6.66
C LEU C 188 -8.17 17.56 7.57
N TYR C 189 -7.18 18.44 7.50
CA TYR C 189 -5.99 18.34 8.35
C TYR C 189 -6.11 19.19 9.62
N SER C 190 -5.28 18.86 10.60
CA SER C 190 -5.11 19.66 11.80
C SER C 190 -3.68 19.56 12.30
N LEU C 191 -3.18 20.63 12.90
CA LEU C 191 -1.82 20.68 13.41
C LEU C 191 -1.71 21.69 14.54
N SER C 192 -0.79 21.42 15.46
CA SER C 192 -0.55 22.32 16.56
C SER C 192 0.88 22.85 16.45
N SER C 193 1.10 24.09 16.89
CA SER C 193 2.44 24.62 17.08
C SER C 193 2.53 25.04 18.57
N VAL C 194 3.59 24.58 19.24
CA VAL C 194 3.80 24.90 20.64
C VAL C 194 5.16 25.56 20.87
N VAL C 195 5.20 26.56 21.73
CA VAL C 195 6.46 27.19 22.08
C VAL C 195 6.75 27.05 23.54
N THR C 196 7.91 26.52 23.88
CA THR C 196 8.29 26.43 25.28
C THR C 196 9.03 27.70 25.68
N VAL C 197 8.50 28.41 26.66
CA VAL C 197 9.11 29.65 27.12
C VAL C 197 9.23 29.66 28.64
N PRO C 198 10.18 30.44 29.18
CA PRO C 198 10.28 30.51 30.64
C PRO C 198 8.99 31.13 31.17
N SER C 199 8.49 30.62 32.29
CA SER C 199 7.20 31.14 32.78
C SER C 199 7.34 32.61 33.25
N SER C 200 8.55 33.13 33.39
CA SER C 200 8.68 34.51 33.80
C SER C 200 8.47 35.37 32.58
N SER C 201 8.62 34.76 31.42
CA SER C 201 8.51 35.46 30.15
C SER C 201 7.09 35.88 29.79
N LEU C 202 6.11 35.07 30.18
CA LEU C 202 4.71 35.40 30.00
C LEU C 202 4.55 36.60 30.92
N GLY C 203 3.76 37.59 30.55
CA GLY C 203 3.76 38.84 31.30
C GLY C 203 4.83 39.84 30.86
N THR C 204 5.95 39.40 30.26
CA THR C 204 6.91 40.40 29.75
C THR C 204 6.85 40.42 28.21
N GLN C 205 6.62 39.25 27.61
CA GLN C 205 6.65 39.09 26.16
C GLN C 205 5.27 38.69 25.62
N THR C 206 4.90 39.25 24.47
CA THR C 206 3.67 38.93 23.78
C THR C 206 4.01 37.77 22.83
N TYR C 207 3.13 36.77 22.74
CA TYR C 207 3.36 35.58 21.93
C TYR C 207 2.24 35.45 20.93
N ILE C 208 2.58 35.46 19.65
CA ILE C 208 1.58 35.40 18.58
C ILE C 208 1.98 34.41 17.50
N CYS C 209 1.05 33.55 17.12
CA CYS C 209 1.30 32.55 16.09
C CYS C 209 0.70 32.98 14.75
N ASN C 210 1.57 33.30 13.81
CA ASN C 210 1.14 33.70 12.47
C ASN C 210 0.95 32.48 11.58
N VAL C 211 -0.28 32.25 11.14
CA VAL C 211 -0.59 31.09 10.36
C VAL C 211 -0.90 31.55 8.97
N ASN C 212 -0.25 30.94 8.00
CA ASN C 212 -0.49 31.30 6.63
C ASN C 212 -0.81 30.06 5.81
N HIS C 213 -1.98 30.05 5.19
CA HIS C 213 -2.38 28.95 4.33
C HIS C 213 -2.64 29.48 2.92
N LYS C 214 -1.60 29.51 2.10
CA LYS C 214 -1.74 30.02 0.75
C LYS C 214 -2.91 29.44 -0.07
N PRO C 215 -3.10 28.12 -0.08
CA PRO C 215 -4.15 27.57 -0.96
C PRO C 215 -5.56 28.18 -0.85
N SER C 216 -5.97 28.58 0.35
CA SER C 216 -7.27 29.22 0.52
C SER C 216 -7.13 30.73 0.73
N ASN C 217 -5.92 31.26 0.53
CA ASN C 217 -5.62 32.67 0.84
C ASN C 217 -6.04 33.09 2.23
N THR C 218 -5.50 32.44 3.23
CA THR C 218 -5.79 32.79 4.61
C THR C 218 -4.49 33.17 5.35
N LYS C 219 -4.44 34.38 5.90
CA LYS C 219 -3.36 34.78 6.81
C LYS C 219 -4.05 35.14 8.09
N VAL C 220 -3.58 34.54 9.18
CA VAL C 220 -4.18 34.75 10.50
C VAL C 220 -3.14 34.96 11.58
N ASP C 221 -3.40 35.92 12.46
CA ASP C 221 -2.56 36.07 13.62
C ASP C 221 -3.39 35.88 14.88
N LYS C 222 -2.92 35.02 15.78
CA LYS C 222 -3.54 34.84 17.09
C LYS C 222 -2.60 35.08 18.21
N ARG C 223 -3.07 35.99 19.03
CA ARG C 223 -2.49 36.29 20.27
C ARG C 223 -2.86 35.17 21.22
N VAL C 224 -1.85 34.58 21.82
CA VAL C 224 -2.00 33.52 22.78
C VAL C 224 -1.79 34.08 24.20
N GLU C 225 -2.84 34.30 24.99
CA GLU C 225 -2.65 34.85 26.35
C GLU C 225 -2.83 33.86 27.51
N PRO C 226 -2.13 34.09 28.65
CA PRO C 226 -2.28 33.28 29.87
C PRO C 226 -3.72 33.21 30.38
N LYS C 227 -4.07 32.19 31.19
CA LYS C 227 -5.45 32.07 31.64
C LYS C 227 -5.70 33.06 32.77
N GLN D 1 18.54 3.95 -22.78
CA GLN D 1 18.27 4.91 -21.69
C GLN D 1 18.93 4.52 -20.36
N SER D 2 19.68 5.47 -19.80
CA SER D 2 20.50 5.28 -18.60
C SER D 2 19.67 5.13 -17.31
N VAL D 3 20.05 4.16 -16.47
CA VAL D 3 19.41 3.91 -15.16
C VAL D 3 20.42 3.93 -14.02
N LEU D 4 20.07 4.61 -12.94
CA LEU D 4 20.93 4.64 -11.75
C LEU D 4 20.29 3.89 -10.59
N THR D 5 20.96 2.85 -10.08
CA THR D 5 20.45 2.11 -8.93
C THR D 5 21.20 2.45 -7.64
N GLN D 6 20.45 2.72 -6.56
CA GLN D 6 20.99 2.95 -5.22
C GLN D 6 20.36 1.96 -4.26
N PRO D 7 21.05 1.60 -3.17
CA PRO D 7 20.42 0.83 -2.09
C PRO D 7 19.32 1.67 -1.45
N PRO D 8 18.15 1.10 -1.16
CA PRO D 8 17.14 2.01 -0.62
C PRO D 8 17.43 2.48 0.81
N SER D 9 18.24 1.77 1.59
CA SER D 9 18.56 2.30 2.92
C SER D 9 19.89 1.80 3.46
N VAL D 10 20.48 2.64 4.28
CA VAL D 10 21.74 2.35 4.94
C VAL D 10 21.62 2.84 6.40
N SER D 11 22.12 2.07 7.36
CA SER D 11 22.06 2.55 8.73
C SER D 11 23.42 2.42 9.41
N VAL D 12 23.71 3.31 10.33
CA VAL D 12 25.06 3.48 10.86
C VAL D 12 25.11 4.02 12.31
N ALA D 13 26.06 3.53 13.12
CA ALA D 13 26.27 4.05 14.49
C ALA D 13 26.93 5.45 14.43
N PRO D 14 26.69 6.32 15.43
CA PRO D 14 27.27 7.67 15.37
C PRO D 14 28.81 7.66 15.35
N GLY D 15 29.42 8.58 14.60
CA GLY D 15 30.88 8.65 14.52
C GLY D 15 31.50 7.70 13.53
N GLN D 16 30.71 6.78 12.99
CA GLN D 16 31.22 5.85 12.00
C GLN D 16 31.06 6.42 10.61
N THR D 17 31.45 5.60 9.65
CA THR D 17 31.43 5.97 8.26
C THR D 17 30.29 5.29 7.50
N ALA D 18 29.51 6.10 6.81
CA ALA D 18 28.52 5.51 5.93
C ALA D 18 28.97 5.59 4.48
N ARG D 19 28.52 4.64 3.68
CA ARG D 19 28.89 4.55 2.28
C ARG D 19 27.64 4.30 1.49
N ILE D 20 27.37 5.15 0.51
CA ILE D 20 26.15 4.97 -0.27
C ILE D 20 26.54 4.80 -1.68
N THR D 21 26.13 3.69 -2.27
CA THR D 21 26.61 3.40 -3.61
C THR D 21 25.62 3.77 -4.71
N CYS D 22 26.14 3.99 -5.91
CA CYS D 22 25.28 4.38 -7.01
C CYS D 22 25.74 3.64 -8.27
N GLY D 23 24.96 2.64 -8.67
CA GLY D 23 25.32 1.78 -9.77
C GLY D 23 24.77 2.25 -11.11
N GLY D 24 25.60 2.15 -12.14
CA GLY D 24 25.20 2.49 -13.50
C GLY D 24 26.22 1.92 -14.47
N ASN D 25 25.77 1.63 -15.68
CA ASN D 25 26.65 1.12 -16.72
C ASN D 25 27.77 2.10 -17.12
N ASN D 26 29.01 1.67 -16.90
CA ASN D 26 30.22 2.46 -17.14
C ASN D 26 30.19 3.85 -16.53
N ILE D 27 29.54 3.92 -15.38
CA ILE D 27 29.40 5.17 -14.68
C ILE D 27 30.74 5.75 -14.25
N GLY D 28 31.75 4.88 -14.12
CA GLY D 28 33.06 5.30 -13.64
C GLY D 28 33.71 6.27 -14.59
N SER D 29 33.17 6.37 -15.79
CA SER D 29 33.74 7.27 -16.77
C SER D 29 32.79 8.42 -17.06
N LYS D 30 31.75 8.60 -16.24
CA LYS D 30 30.69 9.53 -16.60
C LYS D 30 30.40 10.72 -15.71
N SER D 31 31.13 10.88 -14.64
CA SER D 31 30.81 11.98 -13.71
C SER D 31 29.41 12.04 -12.98
N VAL D 32 29.49 11.79 -11.68
CA VAL D 32 28.32 11.62 -10.80
C VAL D 32 28.06 12.77 -9.81
N HIS D 33 26.82 13.17 -9.53
CA HIS D 33 26.68 14.29 -8.60
C HIS D 33 25.80 13.73 -7.43
N TRP D 34 25.95 14.27 -6.21
CA TRP D 34 25.13 13.82 -5.09
C TRP D 34 24.33 14.88 -4.37
N TYR D 35 23.13 14.54 -3.92
CA TYR D 35 22.25 15.50 -3.24
C TYR D 35 21.79 14.95 -1.90
N GLN D 36 21.73 15.83 -0.93
CA GLN D 36 21.25 15.49 0.39
C GLN D 36 19.91 16.18 0.55
N GLN D 37 18.89 15.44 0.97
CA GLN D 37 17.58 16.07 1.25
C GLN D 37 17.06 15.66 2.62
N LYS D 38 16.92 16.64 3.50
CA LYS D 38 16.33 16.43 4.81
C LYS D 38 14.86 16.69 4.65
N PRO D 39 14.03 16.13 5.56
CA PRO D 39 12.55 16.15 5.48
C PRO D 39 11.98 17.56 5.43
N GLY D 40 11.15 17.75 4.42
CA GLY D 40 10.48 19.02 4.17
C GLY D 40 11.31 20.12 3.52
N GLN D 41 12.60 19.85 3.28
CA GLN D 41 13.43 20.86 2.59
C GLN D 41 13.73 20.46 1.14
N ALA D 42 14.28 21.41 0.44
CA ALA D 42 14.81 21.23 -0.89
C ALA D 42 16.18 20.56 -0.79
N PRO D 43 16.53 19.72 -1.79
CA PRO D 43 17.83 19.02 -1.92
C PRO D 43 18.99 20.00 -1.91
N VAL D 44 20.11 19.54 -1.39
CA VAL D 44 21.34 20.32 -1.35
C VAL D 44 22.40 19.53 -2.06
N LEU D 45 23.12 20.17 -2.96
CA LEU D 45 24.26 19.53 -3.64
C LEU D 45 25.40 19.38 -2.65
N VAL D 46 25.85 18.16 -2.42
CA VAL D 46 26.93 17.96 -1.46
C VAL D 46 28.22 17.54 -2.11
N VAL D 47 28.13 16.84 -3.23
CA VAL D 47 29.28 16.42 -4.01
C VAL D 47 28.95 16.52 -5.51
N TYR D 48 29.87 17.07 -6.32
CA TYR D 48 29.68 17.09 -7.75
C TYR D 48 30.95 16.63 -8.50
N ASP D 49 30.78 16.27 -9.76
CA ASP D 49 31.87 15.76 -10.58
C ASP D 49 32.63 14.65 -9.84
N ASP D 50 31.91 13.65 -9.32
CA ASP D 50 32.50 12.53 -8.59
C ASP D 50 32.94 12.90 -7.17
N SER D 51 33.66 14.02 -6.99
CA SER D 51 34.31 14.25 -5.70
C SER D 51 34.50 15.68 -5.25
N ASP D 52 34.09 16.65 -6.05
CA ASP D 52 34.21 18.00 -5.56
C ASP D 52 33.08 18.36 -4.57
N ARG D 53 33.43 19.15 -3.57
CA ARG D 53 32.44 19.74 -2.65
C ARG D 53 32.17 21.20 -2.96
N PRO D 54 30.88 21.58 -3.00
CA PRO D 54 30.58 23.02 -3.05
C PRO D 54 31.05 23.63 -1.72
N SER D 55 31.28 24.94 -1.63
CA SER D 55 31.74 25.51 -0.37
C SER D 55 30.69 25.33 0.71
N GLY D 56 31.12 25.12 1.95
CA GLY D 56 30.17 24.93 3.03
C GLY D 56 29.86 23.48 3.39
N ILE D 57 30.21 22.58 2.47
CA ILE D 57 30.05 21.15 2.71
C ILE D 57 31.30 20.65 3.43
N PRO D 58 31.15 20.08 4.62
CA PRO D 58 32.37 19.72 5.38
C PRO D 58 33.19 18.63 4.67
N GLU D 59 34.47 18.47 5.02
CA GLU D 59 35.32 17.48 4.37
C GLU D 59 34.94 16.02 4.63
N ARG D 60 34.08 15.80 5.62
CA ARG D 60 33.56 14.46 5.95
C ARG D 60 32.85 13.81 4.78
N PHE D 61 32.27 14.63 3.93
CA PHE D 61 31.64 14.15 2.71
C PHE D 61 32.64 14.00 1.60
N SER D 62 32.88 12.78 1.13
CA SER D 62 33.75 12.60 -0.04
C SER D 62 33.11 11.67 -1.08
N GLY D 63 33.71 11.56 -2.26
CA GLY D 63 33.10 10.74 -3.27
C GLY D 63 34.15 10.05 -4.11
N SER D 64 33.78 8.97 -4.80
CA SER D 64 34.71 8.28 -5.68
C SER D 64 33.79 7.68 -6.71
N ASN D 65 34.37 7.32 -7.85
CA ASN D 65 33.62 6.78 -8.97
C ASN D 65 34.53 5.97 -9.88
N SER D 66 34.23 4.68 -9.99
CA SER D 66 35.01 3.76 -10.78
C SER D 66 34.23 2.55 -11.25
N GLY D 67 34.48 2.11 -12.48
CA GLY D 67 33.83 0.93 -13.01
C GLY D 67 32.33 1.12 -13.12
N ASN D 68 31.56 0.28 -12.42
CA ASN D 68 30.11 0.40 -12.46
C ASN D 68 29.45 0.95 -11.18
N THR D 69 30.27 1.54 -10.31
CA THR D 69 29.77 2.05 -9.04
C THR D 69 30.33 3.42 -8.60
N ALA D 70 29.45 4.38 -8.32
CA ALA D 70 29.91 5.63 -7.71
C ALA D 70 29.65 5.52 -6.18
N THR D 71 30.47 6.16 -5.36
CA THR D 71 30.26 5.98 -3.95
C THR D 71 30.29 7.30 -3.19
N LEU D 72 29.25 7.59 -2.42
CA LEU D 72 29.35 8.72 -1.51
C LEU D 72 29.75 8.19 -0.14
N THR D 73 30.70 8.83 0.51
CA THR D 73 31.20 8.35 1.78
C THR D 73 31.08 9.49 2.76
N ILE D 74 30.44 9.24 3.89
CA ILE D 74 30.25 10.26 4.93
C ILE D 74 30.96 9.79 6.20
N SER D 75 32.07 10.46 6.52
CA SER D 75 32.85 10.08 7.69
C SER D 75 32.32 10.76 8.95
N ARG D 76 32.58 10.15 10.11
CA ARG D 76 32.18 10.69 11.39
C ARG D 76 30.74 11.20 11.40
N VAL D 77 29.83 10.29 11.06
CA VAL D 77 28.42 10.60 10.86
C VAL D 77 27.77 11.21 12.09
N GLU D 78 26.98 12.25 11.88
CA GLU D 78 26.26 12.85 12.98
C GLU D 78 24.79 12.57 12.77
N ALA D 79 24.02 12.73 13.83
CA ALA D 79 22.59 12.47 13.70
C ALA D 79 21.95 13.46 12.74
N GLY D 80 22.51 14.66 12.67
CA GLY D 80 22.06 15.65 11.72
C GLY D 80 22.33 15.26 10.28
N ASP D 81 23.03 14.15 10.06
CA ASP D 81 23.32 13.70 8.70
C ASP D 81 22.22 12.80 8.14
N GLU D 82 21.24 12.51 8.98
CA GLU D 82 20.10 11.73 8.59
C GLU D 82 19.30 12.47 7.51
N ALA D 83 19.09 11.81 6.39
CA ALA D 83 18.49 12.44 5.23
C ALA D 83 18.33 11.43 4.12
N ASP D 84 17.75 11.85 3.01
CA ASP D 84 17.83 11.07 1.81
C ASP D 84 18.98 11.56 0.94
N TYR D 85 19.64 10.62 0.29
CA TYR D 85 20.76 10.93 -0.59
C TYR D 85 20.50 10.42 -2.02
N TYR D 86 20.60 11.31 -2.99
CA TYR D 86 20.39 10.95 -4.37
C TYR D 86 21.67 11.12 -5.17
N CYS D 87 21.95 10.16 -6.00
CA CYS D 87 22.96 10.37 -6.99
C CYS D 87 22.33 10.77 -8.34
N GLN D 88 23.17 11.27 -9.24
CA GLN D 88 22.65 11.90 -10.43
C GLN D 88 23.72 11.96 -11.52
N VAL D 89 23.30 11.67 -12.76
CA VAL D 89 24.13 11.89 -13.94
C VAL D 89 23.42 12.57 -15.11
N TRP D 90 24.27 13.08 -15.98
CA TRP D 90 23.88 13.51 -17.28
C TRP D 90 23.97 12.37 -18.27
N ASP D 91 22.83 12.15 -18.93
CA ASP D 91 22.71 11.16 -19.96
C ASP D 91 23.01 11.85 -21.31
N SER D 92 24.20 11.60 -21.86
CA SER D 92 24.69 12.24 -23.09
C SER D 92 23.84 11.92 -24.32
N SER D 93 23.21 10.75 -24.33
CA SER D 93 22.44 10.33 -25.48
C SER D 93 21.01 10.88 -25.57
N SER D 94 20.70 11.94 -24.82
CA SER D 94 19.34 12.46 -24.76
C SER D 94 19.37 13.85 -24.25
N ASP D 95 20.53 14.23 -23.74
CA ASP D 95 20.68 15.49 -23.06
C ASP D 95 19.61 15.63 -21.98
N HIS D 96 19.37 14.52 -21.27
CA HIS D 96 18.48 14.42 -20.12
C HIS D 96 19.26 14.25 -18.82
N VAL D 97 18.66 14.67 -17.71
CA VAL D 97 19.22 14.37 -16.40
C VAL D 97 18.55 13.15 -15.77
N VAL D 98 19.37 12.28 -15.20
CA VAL D 98 18.87 11.08 -14.50
C VAL D 98 19.22 11.02 -13.03
N PHE D 99 18.20 10.82 -12.20
CA PHE D 99 18.41 10.61 -10.77
C PHE D 99 18.42 9.12 -10.35
N GLY D 100 19.18 8.76 -9.32
CA GLY D 100 19.01 7.47 -8.67
C GLY D 100 17.74 7.54 -7.83
N GLY D 101 17.29 6.40 -7.31
CA GLY D 101 16.05 6.27 -6.54
C GLY D 101 16.11 6.74 -5.09
N GLY D 102 17.32 7.02 -4.63
CA GLY D 102 17.51 7.59 -3.31
C GLY D 102 17.86 6.60 -2.20
N THR D 103 18.79 7.01 -1.35
CA THR D 103 19.13 6.18 -0.23
C THR D 103 18.77 6.94 1.03
N LYS D 104 18.06 6.24 1.92
CA LYS D 104 17.76 6.73 3.25
C LYS D 104 18.93 6.48 4.21
N LEU D 105 19.45 7.50 4.88
CA LEU D 105 20.47 7.26 5.91
C LEU D 105 19.88 7.46 7.32
N THR D 106 19.93 6.43 8.15
CA THR D 106 19.48 6.44 9.54
C THR D 106 20.62 6.24 10.56
N VAL D 107 20.65 7.02 11.63
CA VAL D 107 21.69 6.77 12.63
C VAL D 107 21.17 6.10 13.93
N LEU D 108 21.47 4.81 14.10
CA LEU D 108 21.12 3.97 15.26
C LEU D 108 22.09 4.19 16.43
N GLY D 109 21.75 3.78 17.65
CA GLY D 109 22.75 3.87 18.70
C GLY D 109 22.48 5.03 19.64
N GLN D 110 21.29 5.60 19.52
CA GLN D 110 20.81 6.67 20.38
C GLN D 110 20.36 6.08 21.73
N PRO D 111 20.51 6.87 22.81
CA PRO D 111 20.13 6.42 24.17
C PRO D 111 18.61 6.57 24.42
N LYS D 112 18.05 5.82 25.36
CA LYS D 112 16.61 5.93 25.63
C LYS D 112 16.19 7.28 26.20
N ALA D 113 15.01 7.74 25.80
CA ALA D 113 14.44 8.99 26.30
C ALA D 113 12.96 8.84 26.61
N ALA D 114 12.57 9.16 27.84
CA ALA D 114 11.15 9.25 28.21
C ALA D 114 10.57 10.56 27.62
N PRO D 115 9.29 10.53 27.21
CA PRO D 115 8.60 11.68 26.62
C PRO D 115 8.23 12.80 27.60
N SER D 116 8.17 14.04 27.11
CA SER D 116 7.51 15.08 27.86
C SER D 116 6.09 15.18 27.24
N VAL D 117 5.05 15.23 28.10
CA VAL D 117 3.65 15.29 27.66
C VAL D 117 2.98 16.62 28.01
N THR D 118 2.33 17.26 27.04
CA THR D 118 1.50 18.42 27.31
C THR D 118 0.04 18.25 26.81
N LEU D 119 -0.94 18.65 27.62
CA LEU D 119 -2.34 18.50 27.32
C LEU D 119 -3.04 19.82 27.42
N PHE D 120 -3.72 20.21 26.35
CA PHE D 120 -4.51 21.44 26.37
C PHE D 120 -5.99 21.11 26.38
N PRO D 121 -6.77 21.86 27.17
CA PRO D 121 -8.22 21.72 27.13
C PRO D 121 -8.74 22.46 25.92
N PRO D 122 -10.04 22.33 25.61
CA PRO D 122 -10.58 23.12 24.52
C PRO D 122 -10.45 24.59 24.89
N SER D 123 -10.32 25.44 23.90
CA SER D 123 -10.24 26.82 24.28
C SER D 123 -11.61 27.46 24.29
N SER D 124 -11.66 28.59 24.93
CA SER D 124 -12.89 29.28 25.02
C SER D 124 -13.39 29.70 23.63
N GLU D 125 -12.48 30.08 22.73
CA GLU D 125 -12.82 30.46 21.37
C GLU D 125 -13.42 29.30 20.62
N GLU D 126 -12.83 28.13 20.81
CA GLU D 126 -13.35 26.96 20.13
C GLU D 126 -14.72 26.61 20.63
N LEU D 127 -14.89 26.63 21.95
CA LEU D 127 -16.18 26.31 22.57
C LEU D 127 -17.27 27.26 22.04
N GLN D 128 -16.99 28.56 21.96
CA GLN D 128 -17.95 29.49 21.36
C GLN D 128 -18.29 29.22 19.90
N ALA D 129 -17.46 28.45 19.21
CA ALA D 129 -17.69 28.16 17.80
C ALA D 129 -18.29 26.75 17.74
N ASN D 130 -18.73 26.34 18.93
CA ASN D 130 -19.41 25.09 19.23
C ASN D 130 -18.64 23.86 18.78
N LYS D 131 -17.34 23.90 19.04
CA LYS D 131 -16.46 22.78 18.86
C LYS D 131 -15.65 22.56 20.13
N ALA D 132 -14.93 21.45 20.21
CA ALA D 132 -14.20 21.12 21.42
C ALA D 132 -13.14 20.13 21.04
N THR D 133 -11.89 20.55 21.08
CA THR D 133 -10.81 19.64 20.76
C THR D 133 -9.80 19.57 21.92
N LEU D 134 -9.48 18.37 22.39
CA LEU D 134 -8.38 18.20 23.33
C LEU D 134 -7.11 17.86 22.60
N VAL D 135 -6.02 18.53 22.96
CA VAL D 135 -4.76 18.39 22.24
C VAL D 135 -3.63 17.83 23.07
N CYS D 136 -3.19 16.62 22.74
CA CYS D 136 -2.09 16.08 23.48
C CYS D 136 -0.82 16.03 22.65
N LEU D 137 0.20 16.73 23.13
CA LEU D 137 1.47 16.85 22.47
C LEU D 137 2.53 16.05 23.20
N ILE D 138 3.21 15.14 22.49
CA ILE D 138 4.21 14.25 23.06
C ILE D 138 5.52 14.44 22.33
N SER D 139 6.58 14.83 23.04
CA SER D 139 7.83 15.19 22.36
C SER D 139 9.08 14.60 23.03
N ASP D 140 10.20 14.68 22.32
CA ASP D 140 11.51 14.33 22.88
C ASP D 140 11.62 12.91 23.43
N PHE D 141 11.08 11.93 22.72
CA PHE D 141 11.23 10.58 23.20
C PHE D 141 12.03 9.72 22.24
N TYR D 142 12.71 8.70 22.75
CA TYR D 142 13.42 7.80 21.87
C TYR D 142 13.46 6.47 22.56
N PRO D 143 13.26 5.38 21.82
CA PRO D 143 12.95 5.29 20.37
C PRO D 143 11.50 5.65 20.02
N GLY D 144 11.19 5.55 18.73
CA GLY D 144 9.96 6.07 18.16
C GLY D 144 8.71 5.20 18.32
N ALA D 145 8.52 4.67 19.52
CA ALA D 145 7.29 3.98 19.87
C ALA D 145 6.61 4.64 21.07
N VAL D 146 5.29 4.76 21.03
CA VAL D 146 4.66 5.36 22.16
C VAL D 146 3.23 4.83 22.15
N THR D 147 2.59 4.75 23.31
CA THR D 147 1.18 4.38 23.33
C THR D 147 0.41 5.52 23.94
N VAL D 148 -0.67 5.92 23.30
CA VAL D 148 -1.48 6.99 23.82
C VAL D 148 -2.87 6.44 24.07
N ALA D 149 -3.39 6.64 25.27
CA ALA D 149 -4.72 6.19 25.61
C ALA D 149 -5.51 7.34 26.20
N TRP D 150 -6.75 7.51 25.76
CA TRP D 150 -7.58 8.57 26.32
C TRP D 150 -8.59 8.09 27.35
N LYS D 151 -8.86 8.90 28.35
CA LYS D 151 -9.80 8.53 29.42
C LYS D 151 -10.74 9.69 29.70
N ALA D 152 -11.96 9.34 30.10
CA ALA D 152 -12.98 10.28 30.54
C ALA D 152 -13.58 9.72 31.79
N ASP D 153 -13.31 10.23 32.99
CA ASP D 153 -13.95 9.67 34.21
C ASP D 153 -13.58 8.19 34.44
N SER D 154 -12.27 7.92 34.41
CA SER D 154 -11.70 6.58 34.65
C SER D 154 -12.07 5.57 33.56
N SER D 155 -12.92 6.00 32.67
CA SER D 155 -13.36 5.16 31.58
C SER D 155 -12.62 5.46 30.27
N PRO D 156 -12.14 4.41 29.59
CA PRO D 156 -11.48 4.55 28.28
C PRO D 156 -12.38 5.18 27.23
N VAL D 157 -11.77 6.01 26.36
CA VAL D 157 -12.43 6.68 25.24
C VAL D 157 -11.71 6.36 23.94
N LYS D 158 -12.43 5.98 22.89
CA LYS D 158 -11.79 5.78 21.59
C LYS D 158 -12.43 6.60 20.48
N ALA D 159 -13.67 7.00 20.66
CA ALA D 159 -14.33 7.81 19.63
C ALA D 159 -13.79 9.25 19.59
N GLY D 160 -13.53 9.75 18.38
CA GLY D 160 -13.07 11.11 18.19
C GLY D 160 -11.58 11.31 18.39
N VAL D 161 -10.84 10.21 18.52
CA VAL D 161 -9.40 10.25 18.71
C VAL D 161 -8.59 10.15 17.37
N GLU D 162 -7.71 11.11 17.10
CA GLU D 162 -6.79 11.03 15.98
C GLU D 162 -5.39 11.15 16.52
N THR D 163 -4.57 10.15 16.23
CA THR D 163 -3.22 10.10 16.74
C THR D 163 -2.28 9.91 15.56
N THR D 164 -1.19 10.68 15.53
CA THR D 164 -0.13 10.46 14.58
C THR D 164 0.79 9.33 15.05
N THR D 165 1.47 8.70 14.12
CA THR D 165 2.57 7.76 14.39
C THR D 165 3.80 8.66 14.60
N PRO D 166 4.74 8.23 15.45
CA PRO D 166 5.88 9.09 15.79
C PRO D 166 6.68 9.54 14.57
N SER D 167 7.20 10.75 14.63
CA SER D 167 7.96 11.33 13.53
C SER D 167 9.23 11.93 14.13
N LYS D 168 10.32 11.90 13.39
CA LYS D 168 11.54 12.41 13.94
C LYS D 168 11.58 13.95 14.06
N GLN D 169 12.12 14.42 15.18
CA GLN D 169 12.37 15.84 15.44
C GLN D 169 13.75 16.32 14.96
N SER D 170 13.98 17.62 15.07
CA SER D 170 15.26 18.16 14.68
C SER D 170 16.34 17.63 15.60
N ASN D 171 16.05 17.57 16.91
CA ASN D 171 17.03 17.05 17.88
C ASN D 171 17.23 15.53 17.81
N ASN D 172 16.73 14.93 16.72
CA ASN D 172 16.85 13.49 16.42
C ASN D 172 16.11 12.54 17.35
N LYS D 173 15.24 13.12 18.17
CA LYS D 173 14.30 12.32 18.92
C LYS D 173 12.97 12.38 18.19
N TYR D 174 11.95 11.72 18.74
CA TYR D 174 10.65 11.67 18.09
C TYR D 174 9.58 12.45 18.83
N ALA D 175 8.51 12.78 18.10
CA ALA D 175 7.29 13.46 18.58
C ALA D 175 6.02 12.75 18.06
N ALA D 176 4.90 13.00 18.72
CA ALA D 176 3.64 12.56 18.16
C ALA D 176 2.55 13.37 18.82
N SER D 177 1.36 13.37 18.21
CA SER D 177 0.32 14.18 18.81
C SER D 177 -0.98 13.42 18.71
N SER D 178 -1.87 13.66 19.68
CA SER D 178 -3.17 13.05 19.64
C SER D 178 -4.24 14.11 19.84
N TYR D 179 -5.30 14.03 19.05
CA TYR D 179 -6.40 14.99 19.19
C TYR D 179 -7.65 14.24 19.58
N LEU D 180 -8.35 14.69 20.62
CA LEU D 180 -9.68 14.13 20.79
C LEU D 180 -10.72 15.15 20.38
N SER D 181 -11.80 14.70 19.74
CA SER D 181 -12.84 15.63 19.33
C SER D 181 -14.08 15.29 20.05
N LEU D 182 -14.71 16.31 20.57
CA LEU D 182 -15.96 16.12 21.24
C LEU D 182 -16.76 17.40 21.23
N THR D 183 -18.04 17.32 21.50
CA THR D 183 -18.87 18.50 21.55
C THR D 183 -18.66 19.18 22.90
N PRO D 184 -18.94 20.49 22.97
CA PRO D 184 -18.91 21.22 24.26
C PRO D 184 -19.75 20.56 25.35
N GLU D 185 -20.86 19.94 24.96
CA GLU D 185 -21.70 19.29 25.94
C GLU D 185 -20.98 18.04 26.56
N GLN D 186 -20.33 17.24 25.72
CA GLN D 186 -19.50 16.09 26.19
C GLN D 186 -18.38 16.55 27.12
N TRP D 187 -17.72 17.65 26.71
CA TRP D 187 -16.62 18.20 27.48
C TRP D 187 -17.11 18.69 28.84
N LYS D 188 -18.25 19.37 28.88
CA LYS D 188 -18.72 19.95 30.12
C LYS D 188 -19.41 18.91 31.02
N SER D 189 -19.77 17.75 30.45
CA SER D 189 -20.49 16.68 31.15
C SER D 189 -19.64 15.69 31.92
N HIS D 190 -18.35 15.66 31.70
CA HIS D 190 -17.50 14.70 32.43
C HIS D 190 -16.72 15.47 33.46
N ARG D 191 -16.16 14.74 34.41
CA ARG D 191 -15.36 15.41 35.41
C ARG D 191 -14.07 15.91 34.83
N SER D 192 -13.48 15.06 34.00
CA SER D 192 -12.18 15.29 33.42
C SER D 192 -11.93 14.41 32.22
N TYR D 193 -10.95 14.79 31.40
CA TYR D 193 -10.36 13.88 30.44
C TYR D 193 -8.88 13.77 30.67
N SER D 194 -8.31 12.64 30.23
CA SER D 194 -6.91 12.35 30.49
C SER D 194 -6.26 11.79 29.29
N CYS D 195 -5.04 12.26 29.05
CA CYS D 195 -4.19 11.74 28.02
C CYS D 195 -3.10 10.94 28.70
N GLN D 196 -3.05 9.64 28.43
CA GLN D 196 -2.15 8.73 29.11
C GLN D 196 -1.14 8.22 28.13
N VAL D 197 0.13 8.50 28.40
CA VAL D 197 1.17 8.19 27.43
C VAL D 197 2.17 7.20 28.04
N THR D 198 2.31 6.07 27.40
CA THR D 198 3.22 5.06 27.88
C THR D 198 4.40 4.81 26.95
N HIS D 199 5.59 4.73 27.52
CA HIS D 199 6.78 4.59 26.72
C HIS D 199 7.83 3.75 27.43
N GLU D 200 8.14 2.58 26.87
CA GLU D 200 9.18 1.72 27.42
C GLU D 200 8.99 1.42 28.88
N GLY D 201 7.78 1.13 29.28
CA GLY D 201 7.62 0.79 30.68
C GLY D 201 7.37 1.95 31.63
N SER D 202 7.42 3.19 31.15
CA SER D 202 7.06 4.27 32.05
C SER D 202 5.76 4.92 31.61
N THR D 203 4.91 5.31 32.55
CA THR D 203 3.63 5.88 32.19
C THR D 203 3.51 7.33 32.68
N VAL D 204 3.11 8.23 31.80
CA VAL D 204 2.86 9.62 32.11
C VAL D 204 1.42 9.93 31.76
N GLU D 205 0.69 10.53 32.69
CA GLU D 205 -0.70 10.89 32.45
C GLU D 205 -0.90 12.39 32.61
N LYS D 206 -1.74 13.00 31.77
CA LYS D 206 -2.08 14.39 32.04
C LYS D 206 -3.60 14.49 32.08
N THR D 207 -4.15 15.34 32.92
CA THR D 207 -5.58 15.37 33.05
C THR D 207 -6.06 16.80 33.04
N VAL D 208 -7.23 17.03 32.44
CA VAL D 208 -7.83 18.34 32.35
C VAL D 208 -9.34 18.32 32.60
N ALA D 209 -9.88 19.41 33.16
CA ALA D 209 -11.29 19.53 33.56
C ALA D 209 -11.92 20.87 33.17
N PRO D 210 -13.21 20.87 32.87
CA PRO D 210 -13.87 22.15 32.57
C PRO D 210 -14.14 23.03 33.82
#